data_3ZJU
#
_entry.id   3ZJU
#
_cell.length_a   76.720
_cell.length_b   120.030
_cell.length_c   142.810
_cell.angle_alpha   90.00
_cell.angle_beta   90.00
_cell.angle_gamma   90.00
#
_symmetry.space_group_name_H-M   'P 21 21 21'
#
loop_
_entity.id
_entity.type
_entity.pdbx_description
1 polymer 'LEUCYL-TRNA SYNTHETASE'
2 polymer 'TRNALEU5 UAA ISOACCEPTOR'
3 non-polymer 'MAGNESIUM ION'
4 water water
#
loop_
_entity_poly.entity_id
_entity_poly.type
_entity_poly.pdbx_seq_one_letter_code
_entity_poly.pdbx_strand_id
1 'polypeptide(L)'
;MGSSHHHHHHSSGLVPRGSHMQEQYRPEEIESKVQLHWDEKRTFEVTEDESKEKYYCLSMLPYPSGRLHMGHVRNYTIGD
VIARYQRMLGKNVLQPIGWDAFGLPAEGAAVKNNTAPAPWTYDNIAYMKNQLKMLGFGYDWSRELATCTPEYYRWEQKFF
TELYKKGLVYKKTSAVNWCPNDQTVLANEQVIDGCCWRCDTKVERKEIPQWFIKITAYADELLNDLDKLDHWPDTVKTMQ
RNWIGRSEGVEITFNVNDYDNTLTVYTTRPDTFMGCTYLAVAAGHPLAQKAAENNPELAAFIDECRNTKVAEAEMATMEK
KGVDTGFKAVHPLTGEEIPVWAANFVLMEYGTGAVMAVPGHDQRDYEFASKYGLNIKPVILAADGSEPDLSQQALTEKGV
LFNSGEFNGLDHEAAFNAIADKLTAMGVGERKVNYRLRDWGVSRQRYWGAPIPMVTLEDGTVMPTPDDQLPVILPEDVVM
DGITSPIKADPEWAKTTVNGMPALRETDTFDTFMESSWYYARYTCPQYKEGMLDSEAANYWLPVDIYIGGIEHAIMHLLY
FRFFHKLMRDAGMVNSDEPAKQLLCQGMVLADAFYYVGENGERNWVSPVDAIVERDEKGRIVKAKDAAGHELVYTGMSKM
SKSKNNGIDPQVMVERYGADTVRLFMMFASPADMTLEWQESGVEGANRFLKRVWKLVYEHTAKGDVAALNVDALTENQKA
LRRDVHKTIAKVTDDIGRRQTFNTAIAAIMELMNKLAKAPTDGEQDRALMQEALLAVVRMLNPFTPHICFTLWQELKGEG
DIDNAPWPVADEKAMVEDSTLVVVQVNGKVRAKITVPVDATEEQVRERAGQEHLVAKYLDGVTVRKVIYVPGKLLNLVVG
;
A
2 'polyribonucleotide'
;GCCCGGAUGGUGGAAUCGGUAGACACAAGGGAUUUAAAAUCCCUCGGCGUUCGCGCUGUGCGGGUUCAAGUCCCGCUCCG
GGUACC(DJF)
;
B
#
loop_
_chem_comp.id
_chem_comp.type
_chem_comp.name
_chem_comp.formula
A RNA linking ADENOSINE-5'-MONOPHOSPHATE 'C10 H14 N5 O7 P'
C RNA linking CYTIDINE-5'-MONOPHOSPHATE 'C9 H14 N3 O8 P'
DJF RNA linking '[(1S,5R,6R,8R)-6-(6-aminopurin-9-yl)-2'-(3-oxidanylpropoxy)spiro[2,4,7-trioxa-3-boranuidabicyclo[3.3.0]octane-3,9'-8-oxa-9-boranuidabicyclo[4.3.0]nona-1(6),2,4-triene]-8-yl]methyl dihydrogen phosphate' 'C20 H24 B N5 O10 P -1'
G RNA linking GUANOSINE-5'-MONOPHOSPHATE 'C10 H14 N5 O8 P'
MG non-polymer 'MAGNESIUM ION' 'Mg 2'
U RNA linking URIDINE-5'-MONOPHOSPHATE 'C9 H13 N2 O9 P'
#
# COMPACT_ATOMS: atom_id res chain seq x y z
N MET A 21 8.02 -37.67 21.41
CA MET A 21 7.70 -36.96 20.12
C MET A 21 7.24 -37.97 19.06
N GLN A 22 6.42 -37.54 18.10
CA GLN A 22 6.13 -38.37 16.90
C GLN A 22 7.15 -38.18 15.76
N GLU A 23 7.59 -39.27 15.14
CA GLU A 23 8.67 -39.19 14.13
C GLU A 23 8.30 -38.36 12.87
N GLN A 24 7.03 -38.39 12.50
CA GLN A 24 6.58 -37.66 11.30
C GLN A 24 6.11 -36.27 11.70
N TYR A 25 6.48 -35.27 10.92
CA TYR A 25 5.77 -33.99 10.98
C TYR A 25 4.41 -34.14 10.29
N ARG A 26 3.33 -33.88 11.01
CA ARG A 26 1.98 -34.02 10.47
C ARG A 26 1.14 -32.79 10.78
N PRO A 27 1.20 -31.76 9.93
CA PRO A 27 0.56 -30.50 10.30
C PRO A 27 -0.90 -30.70 10.66
N GLU A 28 -1.56 -31.64 9.99
CA GLU A 28 -2.97 -31.93 10.29
C GLU A 28 -3.18 -32.30 11.77
N GLU A 29 -2.17 -32.89 12.39
CA GLU A 29 -2.29 -33.26 13.78
C GLU A 29 -1.90 -32.17 14.77
N ILE A 30 -1.40 -31.05 14.26
CA ILE A 30 -0.78 -30.06 15.12
C ILE A 30 -1.43 -28.70 15.05
N GLU A 31 -1.81 -28.30 13.85
CA GLU A 31 -2.21 -26.92 13.64
C GLU A 31 -3.50 -26.54 14.37
N SER A 32 -4.55 -27.36 14.24
CA SER A 32 -5.81 -27.07 14.97
C SER A 32 -5.68 -27.19 16.47
N LYS A 33 -4.86 -28.12 16.94
CA LYS A 33 -4.62 -28.19 18.39
C LYS A 33 -4.00 -26.90 18.90
N VAL A 34 -2.97 -26.40 18.20
CA VAL A 34 -2.33 -25.15 18.64
C VAL A 34 -3.25 -23.94 18.53
N GLN A 35 -3.94 -23.85 17.39
CA GLN A 35 -4.96 -22.83 17.16
C GLN A 35 -5.99 -22.79 18.28
N LEU A 36 -6.49 -23.96 18.69
CA LEU A 36 -7.45 -24.04 19.81
C LEU A 36 -6.84 -23.65 21.16
N HIS A 37 -5.60 -24.03 21.41
CA HIS A 37 -4.87 -23.47 22.56
C HIS A 37 -4.94 -21.93 22.57
N TRP A 38 -4.72 -21.32 21.42
CA TRP A 38 -4.65 -19.90 21.33
C TRP A 38 -5.96 -19.21 21.68
N ASP A 39 -7.08 -19.76 21.21
CA ASP A 39 -8.41 -19.33 21.64
C ASP A 39 -8.69 -19.64 23.10
N GLU A 40 -8.27 -20.81 23.55
CA GLU A 40 -8.58 -21.16 24.92
C GLU A 40 -7.80 -20.35 25.90
N LYS A 41 -6.53 -20.07 25.61
CA LYS A 41 -5.77 -19.22 26.52
C LYS A 41 -5.91 -17.75 26.22
N ARG A 42 -6.57 -17.42 25.11
CA ARG A 42 -6.71 -16.02 24.64
C ARG A 42 -5.35 -15.36 24.60
N THR A 43 -4.38 -16.11 24.10
CA THR A 43 -3.01 -15.66 24.05
C THR A 43 -2.86 -14.22 23.50
N PHE A 44 -3.52 -13.91 22.40
CA PHE A 44 -3.23 -12.66 21.72
C PHE A 44 -4.18 -11.53 22.05
N GLU A 45 -4.89 -11.67 23.17
CA GLU A 45 -5.81 -10.60 23.63
C GLU A 45 -5.07 -9.70 24.58
N VAL A 46 -5.24 -8.39 24.43
CA VAL A 46 -4.42 -7.44 25.16
C VAL A 46 -5.26 -6.30 25.72
N THR A 47 -4.76 -5.69 26.77
CA THR A 47 -5.41 -4.54 27.38
C THR A 47 -4.47 -3.34 27.32
N GLU A 48 -4.96 -2.19 27.74
CA GLU A 48 -4.17 -0.96 27.76
C GLU A 48 -3.24 -0.86 28.96
N ASP A 49 -2.23 -1.68 28.96
CA ASP A 49 -1.27 -1.80 30.03
C ASP A 49 -0.09 -0.78 30.03
N GLU A 50 -0.15 0.19 30.93
CA GLU A 50 0.87 1.27 31.00
C GLU A 50 2.25 0.82 31.48
N SER A 51 2.35 -0.35 32.05
CA SER A 51 3.66 -0.80 32.47
C SER A 51 4.50 -1.38 31.30
N LYS A 52 3.85 -1.70 30.18
CA LYS A 52 4.55 -2.28 29.03
C LYS A 52 4.62 -1.29 27.88
N GLU A 53 5.61 -1.47 27.02
CA GLU A 53 5.74 -0.66 25.84
C GLU A 53 4.80 -1.24 24.79
N LYS A 54 3.92 -0.41 24.24
CA LYS A 54 2.96 -0.86 23.24
C LYS A 54 3.50 -0.87 21.82
N TYR A 55 2.88 -1.72 21.02
CA TYR A 55 3.14 -1.80 19.61
C TYR A 55 1.83 -2.16 18.94
N TYR A 56 1.40 -1.33 17.99
CA TYR A 56 0.16 -1.57 17.25
C TYR A 56 0.52 -1.95 15.80
N CYS A 57 0.28 -3.21 15.47
CA CYS A 57 0.58 -3.77 14.15
C CYS A 57 -0.72 -4.07 13.38
N LEU A 58 -0.95 -3.33 12.29
CA LEU A 58 -2.24 -3.31 11.60
C LEU A 58 -2.11 -3.68 10.11
N SER A 59 -2.93 -4.65 9.71
CA SER A 59 -3.13 -5.00 8.34
C SER A 59 -4.50 -4.54 7.87
N MET A 60 -4.59 -4.24 6.57
CA MET A 60 -5.82 -3.73 5.97
C MET A 60 -6.92 -4.76 6.03
N LEU A 61 -8.08 -4.36 6.52
CA LEU A 61 -9.09 -5.34 6.88
C LEU A 61 -9.75 -5.91 5.60
N PRO A 62 -10.12 -7.19 5.63
CA PRO A 62 -10.64 -7.79 4.40
C PRO A 62 -12.08 -7.44 4.18
N TYR A 63 -12.48 -7.42 2.91
CA TYR A 63 -13.89 -7.42 2.52
C TYR A 63 -14.37 -8.86 2.45
N PRO A 64 -15.51 -9.19 3.09
CA PRO A 64 -15.99 -10.60 3.13
C PRO A 64 -16.53 -11.05 1.77
N SER A 65 -15.64 -11.33 0.83
CA SER A 65 -16.08 -11.67 -0.51
C SER A 65 -16.50 -13.14 -0.62
N GLY A 66 -15.95 -13.99 0.24
CA GLY A 66 -16.38 -15.38 0.27
C GLY A 66 -15.23 -16.28 0.65
N ARG A 67 -14.06 -16.02 0.09
CA ARG A 67 -12.87 -16.76 0.45
C ARG A 67 -11.62 -15.91 0.30
N LEU A 68 -10.63 -16.18 1.13
CA LEU A 68 -9.38 -15.43 1.10
C LEU A 68 -8.69 -15.69 -0.24
N HIS A 69 -8.00 -14.67 -0.75
CA HIS A 69 -7.07 -14.88 -1.84
C HIS A 69 -5.63 -14.66 -1.37
N MET A 70 -4.69 -14.91 -2.26
CA MET A 70 -3.27 -15.01 -1.89
C MET A 70 -2.72 -13.67 -1.47
N GLY A 71 -3.38 -12.63 -1.89
CA GLY A 71 -3.10 -11.30 -1.41
C GLY A 71 -3.30 -11.16 0.08
N HIS A 72 -4.47 -11.59 0.59
CA HIS A 72 -4.79 -11.58 2.00
C HIS A 72 -3.72 -12.33 2.75
N VAL A 73 -3.38 -13.53 2.26
CA VAL A 73 -2.50 -14.43 3.02
C VAL A 73 -1.11 -13.84 3.15
N ARG A 74 -0.60 -13.23 2.07
CA ARG A 74 0.68 -12.51 2.13
C ARG A 74 0.60 -11.29 3.02
N ASN A 75 -0.47 -10.51 2.86
CA ASN A 75 -0.66 -9.34 3.69
C ASN A 75 -0.65 -9.72 5.19
N TYR A 76 -1.42 -10.73 5.56
CA TYR A 76 -1.62 -11.04 6.98
C TYR A 76 -0.50 -11.89 7.53
N THR A 77 0.19 -12.66 6.68
CA THR A 77 1.39 -13.32 7.16
C THR A 77 2.45 -12.29 7.57
N ILE A 78 2.60 -11.23 6.78
CA ILE A 78 3.59 -10.20 7.07
C ILE A 78 3.27 -9.50 8.39
N GLY A 79 2.03 -9.06 8.56
CA GLY A 79 1.58 -8.50 9.84
C GLY A 79 1.83 -9.45 10.99
N ASP A 80 1.46 -10.71 10.82
CA ASP A 80 1.58 -11.66 11.93
C ASP A 80 3.06 -11.98 12.34
N VAL A 81 3.95 -11.97 11.36
CA VAL A 81 5.35 -12.17 11.62
C VAL A 81 5.80 -11.05 12.52
N ILE A 82 5.44 -9.82 12.17
CA ILE A 82 5.85 -8.66 12.94
C ILE A 82 5.24 -8.70 14.35
N ALA A 83 3.93 -8.88 14.41
CA ALA A 83 3.22 -8.94 15.68
C ALA A 83 3.84 -9.98 16.63
N ARG A 84 4.16 -11.15 16.13
CA ARG A 84 4.70 -12.19 16.97
C ARG A 84 6.13 -11.86 17.39
N TYR A 85 6.91 -11.31 16.47
CA TYR A 85 8.27 -11.00 16.75
C TYR A 85 8.25 -9.90 17.81
N GLN A 86 7.40 -8.92 17.65
CA GLN A 86 7.36 -7.81 18.60
C GLN A 86 6.96 -8.25 20.00
N ARG A 87 6.05 -9.22 20.09
CA ARG A 87 5.66 -9.79 21.38
C ARG A 87 6.85 -10.47 22.04
N MET A 88 7.63 -11.21 21.27
CA MET A 88 8.78 -11.93 21.83
C MET A 88 9.89 -10.94 22.25
N LEU A 89 9.81 -9.70 21.75
CA LEU A 89 10.70 -8.63 22.19
C LEU A 89 10.28 -8.02 23.54
N GLY A 90 9.10 -8.39 24.02
CA GLY A 90 8.63 -7.91 25.32
C GLY A 90 7.66 -6.75 25.22
N LYS A 91 7.16 -6.49 24.02
CA LYS A 91 6.17 -5.43 23.85
C LYS A 91 4.75 -5.91 24.02
N ASN A 92 3.86 -4.96 24.33
CA ASN A 92 2.44 -5.21 24.36
C ASN A 92 1.83 -4.97 22.98
N VAL A 93 1.43 -6.06 22.29
CA VAL A 93 1.12 -6.02 20.87
C VAL A 93 -0.38 -6.12 20.58
N LEU A 94 -0.92 -5.11 19.91
CA LEU A 94 -2.26 -5.21 19.35
C LEU A 94 -2.20 -5.61 17.84
N GLN A 95 -2.71 -6.81 17.52
CA GLN A 95 -2.96 -7.18 16.13
C GLN A 95 -4.44 -7.54 15.90
N PRO A 96 -5.23 -6.56 15.44
CA PRO A 96 -6.67 -6.68 15.33
C PRO A 96 -7.13 -7.12 13.93
N ILE A 97 -8.35 -7.66 13.85
CA ILE A 97 -8.94 -8.12 12.62
C ILE A 97 -10.42 -7.72 12.55
N GLY A 98 -10.95 -7.58 11.35
CA GLY A 98 -12.28 -7.03 11.21
C GLY A 98 -12.77 -7.22 9.81
N TRP A 99 -13.94 -6.66 9.51
CA TRP A 99 -14.63 -6.99 8.25
C TRP A 99 -15.25 -5.73 7.68
N ASP A 100 -14.79 -5.35 6.51
CA ASP A 100 -15.30 -4.16 5.85
C ASP A 100 -16.50 -4.62 5.02
N ALA A 101 -17.69 -4.58 5.62
CA ALA A 101 -18.75 -5.54 5.26
C ALA A 101 -19.89 -5.01 4.37
N PHE A 102 -20.14 -3.71 4.42
CA PHE A 102 -21.06 -3.07 3.47
C PHE A 102 -20.39 -3.06 2.10
N GLY A 103 -21.12 -2.66 1.06
CA GLY A 103 -20.52 -2.60 -0.24
C GLY A 103 -21.35 -3.21 -1.32
N LEU A 104 -20.90 -3.06 -2.56
CA LEU A 104 -21.69 -3.46 -3.71
C LEU A 104 -21.71 -4.94 -4.01
N PRO A 105 -20.58 -5.62 -3.83
CA PRO A 105 -20.61 -6.97 -4.35
C PRO A 105 -21.72 -7.85 -3.74
N ALA A 106 -22.13 -7.60 -2.48
CA ALA A 106 -23.21 -8.38 -1.86
C ALA A 106 -24.61 -8.16 -2.49
N GLU A 107 -24.83 -6.98 -3.06
CA GLU A 107 -26.15 -6.67 -3.62
C GLU A 107 -26.39 -7.52 -4.87
N GLY A 108 -25.35 -7.67 -5.70
CA GLY A 108 -25.42 -8.48 -6.90
C GLY A 108 -25.51 -9.95 -6.58
N ALA A 109 -25.00 -10.31 -5.40
CA ALA A 109 -24.92 -11.72 -5.00
C ALA A 109 -26.22 -12.17 -4.31
N ALA A 110 -26.73 -11.35 -3.41
CA ALA A 110 -28.08 -11.52 -2.90
C ALA A 110 -29.01 -11.84 -4.07
N VAL A 111 -28.80 -11.14 -5.17
CA VAL A 111 -29.56 -11.34 -6.40
C VAL A 111 -29.28 -12.70 -7.09
N LYS A 112 -28.04 -12.92 -7.56
CA LYS A 112 -27.69 -14.18 -8.21
C LYS A 112 -27.97 -15.42 -7.33
N ASN A 113 -28.23 -15.20 -6.05
CA ASN A 113 -28.66 -16.27 -5.15
C ASN A 113 -30.08 -16.01 -4.67
N ASN A 114 -30.58 -16.84 -3.77
CA ASN A 114 -31.93 -16.60 -3.23
C ASN A 114 -31.97 -15.44 -2.24
N THR A 115 -30.80 -14.95 -1.84
CA THR A 115 -30.66 -14.41 -0.50
C THR A 115 -30.80 -12.90 -0.42
N ALA A 116 -30.49 -12.37 0.76
CA ALA A 116 -30.36 -10.93 1.02
C ALA A 116 -28.86 -10.58 1.33
N PRO A 117 -28.49 -9.28 1.21
CA PRO A 117 -27.04 -9.01 1.35
C PRO A 117 -26.47 -9.37 2.73
N ALA A 118 -27.28 -9.21 3.78
CA ALA A 118 -26.76 -9.37 5.13
C ALA A 118 -26.39 -10.81 5.44
N PRO A 119 -27.35 -11.74 5.25
CA PRO A 119 -27.06 -13.14 5.53
C PRO A 119 -25.91 -13.69 4.67
N TRP A 120 -25.86 -13.28 3.41
CA TRP A 120 -24.75 -13.63 2.53
C TRP A 120 -23.44 -13.16 3.13
N THR A 121 -23.46 -11.95 3.70
CA THR A 121 -22.25 -11.37 4.18
C THR A 121 -21.80 -12.07 5.42
N TYR A 122 -22.72 -12.28 6.36
CA TYR A 122 -22.39 -12.97 7.60
C TYR A 122 -21.89 -14.38 7.33
N ASP A 123 -22.44 -15.03 6.30
CA ASP A 123 -21.99 -16.36 5.88
C ASP A 123 -20.54 -16.26 5.44
N ASN A 124 -20.23 -15.21 4.69
CA ASN A 124 -18.91 -15.02 4.15
C ASN A 124 -17.93 -14.73 5.27
N ILE A 125 -18.34 -13.89 6.21
CA ILE A 125 -17.53 -13.59 7.35
C ILE A 125 -17.13 -14.86 8.10
N ALA A 126 -18.11 -15.73 8.39
CA ALA A 126 -17.86 -16.98 9.14
C ALA A 126 -16.86 -17.90 8.44
N TYR A 127 -17.00 -18.00 7.15
CA TYR A 127 -16.18 -18.86 6.39
C TYR A 127 -14.73 -18.34 6.34
N MET A 128 -14.56 -17.08 5.94
CA MET A 128 -13.22 -16.47 5.91
C MET A 128 -12.51 -16.45 7.29
N LYS A 129 -13.28 -16.19 8.37
CA LYS A 129 -12.80 -16.19 9.73
C LYS A 129 -12.20 -17.55 10.12
N ASN A 130 -12.89 -18.61 9.73
CA ASN A 130 -12.35 -19.93 9.92
C ASN A 130 -11.07 -20.14 9.10
N GLN A 131 -11.00 -19.54 7.92
CA GLN A 131 -9.76 -19.60 7.13
C GLN A 131 -8.60 -18.81 7.84
N LEU A 132 -8.90 -17.63 8.37
CA LEU A 132 -7.86 -16.85 9.00
C LEU A 132 -7.32 -17.62 10.20
N LYS A 133 -8.21 -18.31 10.91
CA LYS A 133 -7.80 -19.15 12.04
C LYS A 133 -6.94 -20.33 11.64
N MET A 134 -7.17 -20.86 10.46
CA MET A 134 -6.44 -22.04 10.04
C MET A 134 -5.04 -21.66 9.64
N LEU A 135 -4.85 -20.39 9.38
CA LEU A 135 -3.54 -19.86 9.11
C LEU A 135 -2.82 -19.49 10.39
N GLY A 136 -3.54 -19.54 11.51
CA GLY A 136 -2.92 -19.29 12.80
C GLY A 136 -2.49 -17.83 12.94
N PHE A 137 -3.20 -16.91 12.30
CA PHE A 137 -2.95 -15.49 12.60
C PHE A 137 -3.35 -15.18 14.04
N GLY A 138 -2.41 -14.68 14.82
CA GLY A 138 -2.67 -14.40 16.22
C GLY A 138 -3.36 -13.08 16.48
N TYR A 139 -4.64 -12.97 16.11
CA TYR A 139 -5.38 -11.74 16.41
C TYR A 139 -5.97 -11.75 17.79
N ASP A 140 -6.21 -10.56 18.30
CA ASP A 140 -7.10 -10.35 19.44
C ASP A 140 -8.57 -10.48 19.01
N TRP A 141 -9.13 -11.67 19.09
CA TRP A 141 -10.52 -11.84 18.63
C TRP A 141 -11.57 -11.06 19.45
N SER A 142 -11.25 -10.67 20.68
CA SER A 142 -12.19 -9.88 21.47
C SER A 142 -12.43 -8.51 20.87
N ARG A 143 -11.56 -8.12 19.94
CA ARG A 143 -11.68 -6.84 19.28
C ARG A 143 -12.27 -6.90 17.86
N GLU A 144 -12.62 -8.10 17.40
CA GLU A 144 -13.24 -8.26 16.08
C GLU A 144 -14.42 -7.31 15.87
N LEU A 145 -14.49 -6.71 14.68
CA LEU A 145 -15.57 -5.78 14.28
C LEU A 145 -16.04 -6.16 12.91
N ALA A 146 -17.35 -6.06 12.68
CA ALA A 146 -17.85 -6.13 11.32
C ALA A 146 -18.58 -4.82 11.06
N THR A 147 -18.16 -4.10 10.03
CA THR A 147 -18.58 -2.69 9.93
C THR A 147 -20.05 -2.51 9.59
N CYS A 148 -20.72 -3.58 9.14
CA CYS A 148 -22.15 -3.50 8.75
C CYS A 148 -23.11 -3.62 9.92
N THR A 149 -22.57 -3.68 11.13
CA THR A 149 -23.40 -3.82 12.31
C THR A 149 -23.71 -2.46 12.95
N PRO A 150 -24.94 -2.30 13.48
CA PRO A 150 -25.33 -1.02 14.06
C PRO A 150 -24.37 -0.61 15.15
N GLU A 151 -23.85 -1.60 15.86
CA GLU A 151 -22.94 -1.32 16.93
C GLU A 151 -21.70 -0.57 16.40
N TYR A 152 -21.34 -0.82 15.15
CA TYR A 152 -20.31 -0.02 14.52
C TYR A 152 -20.84 1.30 13.94
N TYR A 153 -21.76 1.20 12.99
CA TYR A 153 -21.99 2.33 12.10
C TYR A 153 -22.79 3.45 12.71
N ARG A 154 -23.42 3.18 13.84
CA ARG A 154 -24.12 4.22 14.60
C ARG A 154 -23.15 5.36 14.83
N TRP A 155 -21.89 5.01 14.99
CA TRP A 155 -20.90 5.96 15.43
C TRP A 155 -20.49 6.88 14.30
N GLU A 156 -20.38 6.36 13.09
CA GLU A 156 -20.15 7.27 11.98
C GLU A 156 -21.38 8.14 11.70
N GLN A 157 -22.58 7.60 11.99
CA GLN A 157 -23.81 8.43 11.89
C GLN A 157 -23.80 9.59 12.85
N LYS A 158 -23.38 9.31 14.09
CA LYS A 158 -23.31 10.36 15.12
C LYS A 158 -22.24 11.39 14.75
N PHE A 159 -21.10 10.91 14.26
CA PHE A 159 -20.00 11.78 13.85
C PHE A 159 -20.39 12.67 12.64
N PHE A 160 -21.05 12.09 11.65
CA PHE A 160 -21.60 12.89 10.58
C PHE A 160 -22.40 14.11 11.05
N THR A 161 -23.29 13.95 12.02
CA THR A 161 -24.16 15.06 12.42
C THR A 161 -23.36 16.11 13.15
N GLU A 162 -22.39 15.66 13.94
CA GLU A 162 -21.40 16.55 14.55
C GLU A 162 -20.62 17.37 13.49
N LEU A 163 -20.14 16.70 12.45
CA LEU A 163 -19.37 17.35 11.38
C LEU A 163 -20.25 18.37 10.66
N TYR A 164 -21.51 18.02 10.49
CA TYR A 164 -22.46 18.94 9.92
C TYR A 164 -22.53 20.25 10.71
N LYS A 165 -22.63 20.13 12.03
CA LYS A 165 -22.77 21.33 12.88
C LYS A 165 -21.51 22.13 12.90
N LYS A 166 -20.38 21.46 12.63
CA LYS A 166 -19.07 22.13 12.58
C LYS A 166 -18.90 22.98 11.34
N GLY A 167 -19.81 22.83 10.38
CA GLY A 167 -19.72 23.52 9.10
C GLY A 167 -18.93 22.75 8.07
N LEU A 168 -18.74 21.45 8.31
CA LEU A 168 -17.88 20.64 7.41
C LEU A 168 -18.64 19.73 6.44
N VAL A 169 -19.95 19.83 6.45
CA VAL A 169 -20.78 18.99 5.62
C VAL A 169 -21.82 19.87 4.95
N TYR A 170 -22.05 19.60 3.65
CA TYR A 170 -23.12 20.32 2.88
C TYR A 170 -23.69 19.42 1.79
N LYS A 171 -24.86 19.83 1.26
CA LYS A 171 -25.57 19.09 0.20
C LYS A 171 -25.51 19.86 -1.12
N LYS A 172 -25.37 19.15 -2.24
CA LYS A 172 -25.15 19.80 -3.52
C LYS A 172 -25.47 18.90 -4.70
N THR A 173 -26.14 19.48 -5.69
CA THR A 173 -26.32 18.84 -6.98
C THR A 173 -25.01 18.85 -7.76
N SER A 174 -24.63 17.68 -8.28
CA SER A 174 -23.35 17.55 -8.97
C SER A 174 -23.29 16.27 -9.84
N ALA A 175 -22.34 16.24 -10.76
CA ALA A 175 -22.30 15.24 -11.82
C ALA A 175 -21.65 13.90 -11.40
N VAL A 176 -22.17 12.80 -11.95
CA VAL A 176 -21.51 11.47 -11.86
C VAL A 176 -22.02 10.52 -12.96
N GLU A 207 -25.39 13.16 -12.78
CA GLU A 207 -25.80 14.42 -12.17
C GLU A 207 -26.99 14.27 -11.20
N ILE A 208 -26.74 14.49 -9.90
CA ILE A 208 -27.71 14.15 -8.83
C ILE A 208 -27.39 14.95 -7.52
N PRO A 209 -28.37 15.06 -6.59
CA PRO A 209 -28.07 15.67 -5.28
C PRO A 209 -27.24 14.73 -4.38
N GLN A 210 -26.20 15.28 -3.75
CA GLN A 210 -25.22 14.48 -2.99
C GLN A 210 -24.81 15.17 -1.70
N TRP A 211 -24.43 14.36 -0.72
CA TRP A 211 -23.78 14.88 0.50
C TRP A 211 -22.27 14.88 0.33
N PHE A 212 -21.64 15.96 0.80
CA PHE A 212 -20.17 16.17 0.76
C PHE A 212 -19.59 16.43 2.15
N ILE A 213 -18.38 15.90 2.39
CA ILE A 213 -17.58 16.34 3.53
C ILE A 213 -16.45 17.19 2.98
N LYS A 214 -16.18 18.31 3.66
CA LYS A 214 -15.28 19.34 3.15
C LYS A 214 -13.78 19.02 3.44
N ILE A 215 -13.26 18.03 2.73
CA ILE A 215 -11.85 17.66 2.85
C ILE A 215 -10.91 18.82 2.43
N THR A 216 -11.41 19.71 1.58
CA THR A 216 -10.57 20.77 1.03
C THR A 216 -10.16 21.74 2.12
N ALA A 217 -10.91 21.76 3.22
CA ALA A 217 -10.57 22.56 4.43
C ALA A 217 -9.30 22.08 5.16
N TYR A 218 -8.86 20.86 4.85
CA TYR A 218 -7.67 20.30 5.43
C TYR A 218 -6.60 20.01 4.38
N ALA A 219 -6.78 20.55 3.18
CA ALA A 219 -5.84 20.27 2.08
C ALA A 219 -4.41 20.62 2.47
N ASP A 220 -4.19 21.81 3.01
CA ASP A 220 -2.83 22.24 3.31
C ASP A 220 -2.21 21.45 4.46
N GLU A 221 -3.03 20.99 5.42
CA GLU A 221 -2.52 20.13 6.49
C GLU A 221 -2.23 18.75 5.93
N LEU A 222 -3.11 18.25 5.07
CA LEU A 222 -2.84 16.96 4.48
C LEU A 222 -1.56 17.03 3.63
N LEU A 223 -1.35 18.18 3.00
CA LEU A 223 -0.18 18.35 2.16
C LEU A 223 1.10 18.54 2.98
N ASN A 224 1.13 19.54 3.87
CA ASN A 224 2.34 19.80 4.67
C ASN A 224 2.74 18.55 5.47
N ASP A 225 1.78 17.90 6.13
CA ASP A 225 2.09 16.77 7.06
C ASP A 225 2.70 15.52 6.38
N LEU A 226 2.61 15.42 5.07
CA LEU A 226 3.44 14.45 4.31
C LEU A 226 4.88 14.52 4.73
N ASP A 227 5.32 15.72 5.14
CA ASP A 227 6.70 15.95 5.57
C ASP A 227 7.06 15.21 6.85
N LYS A 228 6.07 14.97 7.71
CA LYS A 228 6.27 14.21 8.95
C LYS A 228 6.33 12.68 8.71
N LEU A 229 6.00 12.22 7.50
CA LEU A 229 5.91 10.79 7.26
C LEU A 229 7.14 10.14 6.61
N ASP A 230 8.25 10.11 7.33
CA ASP A 230 9.48 9.53 6.76
C ASP A 230 9.35 8.05 6.48
N HIS A 231 8.47 7.38 7.21
CA HIS A 231 8.41 5.98 7.11
C HIS A 231 7.26 5.53 6.22
N TRP A 232 6.69 6.46 5.46
CA TRP A 232 5.83 6.10 4.32
C TRP A 232 6.67 6.02 3.04
N PRO A 233 6.37 5.06 2.17
CA PRO A 233 7.15 5.05 0.93
C PRO A 233 6.91 6.31 0.08
N ASP A 234 7.99 6.90 -0.43
CA ASP A 234 7.94 8.03 -1.35
C ASP A 234 6.85 7.94 -2.39
N THR A 235 6.75 6.78 -3.04
CA THR A 235 5.73 6.60 -4.08
C THR A 235 4.35 7.02 -3.60
N VAL A 236 3.97 6.57 -2.41
CA VAL A 236 2.65 6.94 -1.82
C VAL A 236 2.53 8.43 -1.51
N LYS A 237 3.61 9.02 -1.02
CA LYS A 237 3.60 10.42 -0.64
C LYS A 237 3.40 11.35 -1.84
N THR A 238 4.28 11.20 -2.86
CA THR A 238 4.13 11.83 -4.15
C THR A 238 2.73 11.70 -4.68
N MET A 239 2.18 10.49 -4.69
CA MET A 239 0.77 10.29 -5.10
C MET A 239 -0.28 11.16 -4.34
N GLN A 240 -0.12 11.32 -3.04
CA GLN A 240 -1.04 12.23 -2.35
C GLN A 240 -0.77 13.71 -2.68
N ARG A 241 0.51 14.09 -2.84
CA ARG A 241 0.84 15.46 -3.36
C ARG A 241 0.09 15.69 -4.63
N ASN A 242 0.27 14.78 -5.61
CA ASN A 242 -0.27 15.04 -6.93
C ASN A 242 -1.77 15.11 -6.92
N TRP A 243 -2.37 14.29 -6.08
CA TRP A 243 -3.80 14.20 -5.99
C TRP A 243 -4.33 15.47 -5.35
N ILE A 244 -3.64 15.99 -4.33
CA ILE A 244 -4.07 17.26 -3.75
C ILE A 244 -3.92 18.42 -4.77
N GLY A 245 -2.81 18.41 -5.54
CA GLY A 245 -2.65 19.30 -6.72
C GLY A 245 -2.68 20.80 -6.39
N ARG A 246 -1.92 21.19 -5.39
CA ARG A 246 -1.87 22.57 -5.01
C ARG A 246 -1.13 23.28 -6.11
N SER A 247 -1.77 24.33 -6.65
CA SER A 247 -1.31 24.99 -7.85
C SER A 247 -1.19 26.49 -7.55
N GLU A 248 0.00 27.08 -7.75
CA GLU A 248 0.14 28.56 -7.66
C GLU A 248 0.11 29.21 -9.04
N GLY A 249 -0.80 30.16 -9.22
CA GLY A 249 -1.16 30.62 -10.55
C GLY A 249 -1.55 32.08 -10.61
N VAL A 250 -2.15 32.46 -11.73
CA VAL A 250 -2.65 33.80 -11.94
C VAL A 250 -3.98 33.69 -12.67
N GLU A 251 -5.00 34.35 -12.15
CA GLU A 251 -6.21 34.57 -12.95
C GLU A 251 -6.04 35.82 -13.83
N ILE A 252 -6.51 35.71 -15.06
CA ILE A 252 -6.39 36.81 -16.03
C ILE A 252 -7.68 37.03 -16.74
N THR A 253 -8.20 38.25 -16.62
CA THR A 253 -9.53 38.60 -17.12
C THR A 253 -9.44 39.32 -18.47
N PHE A 254 -10.33 38.98 -19.38
CA PHE A 254 -10.36 39.62 -20.71
C PHE A 254 -11.65 40.41 -20.92
N ASN A 255 -11.57 41.41 -21.79
CA ASN A 255 -12.76 41.98 -22.37
C ASN A 255 -13.13 41.20 -23.61
N VAL A 256 -14.44 41.03 -23.81
CA VAL A 256 -14.97 40.34 -24.97
C VAL A 256 -15.95 41.25 -25.74
N ASN A 257 -15.97 41.11 -27.06
CA ASN A 257 -16.46 42.17 -27.94
C ASN A 257 -17.97 42.44 -27.95
N ASP A 258 -18.77 41.44 -28.26
CA ASP A 258 -20.23 41.65 -28.30
C ASP A 258 -20.85 40.96 -27.09
N TYR A 259 -20.20 41.13 -25.94
CA TYR A 259 -20.46 40.34 -24.76
C TYR A 259 -20.36 41.24 -23.54
N ASP A 260 -21.40 41.20 -22.69
CA ASP A 260 -21.60 42.18 -21.62
C ASP A 260 -20.99 41.77 -20.26
N ASN A 261 -20.33 40.62 -20.23
CA ASN A 261 -19.41 40.30 -19.15
C ASN A 261 -17.94 40.26 -19.60
N THR A 262 -17.06 40.01 -18.63
CA THR A 262 -15.68 39.71 -18.90
C THR A 262 -15.46 38.18 -18.83
N LEU A 263 -14.32 37.73 -19.35
CA LEU A 263 -13.94 36.34 -19.24
C LEU A 263 -12.65 36.20 -18.45
N THR A 264 -12.65 35.31 -17.46
CA THR A 264 -11.47 35.01 -16.67
C THR A 264 -10.98 33.60 -16.89
N VAL A 265 -9.65 33.49 -17.07
CA VAL A 265 -8.96 32.19 -17.21
C VAL A 265 -8.06 31.96 -16.00
N TYR A 266 -7.67 30.72 -15.76
CA TYR A 266 -6.63 30.47 -14.77
C TYR A 266 -5.40 29.89 -15.42
N THR A 267 -4.24 30.45 -15.14
CA THR A 267 -3.02 29.91 -15.73
C THR A 267 -1.90 29.74 -14.72
N THR A 268 -1.07 28.70 -14.93
CA THR A 268 0.10 28.43 -14.09
C THR A 268 1.37 28.93 -14.75
N ARG A 269 1.23 29.45 -15.96
CA ARG A 269 2.35 29.89 -16.77
C ARG A 269 2.04 31.29 -17.30
N PRO A 270 1.90 32.28 -16.40
CA PRO A 270 1.70 33.62 -16.93
C PRO A 270 2.90 34.14 -17.75
N ASP A 271 4.10 33.65 -17.44
CA ASP A 271 5.32 33.93 -18.23
C ASP A 271 5.17 33.71 -19.74
N THR A 272 4.25 32.84 -20.14
CA THR A 272 4.04 32.61 -21.58
C THR A 272 2.92 33.47 -22.16
N PHE A 273 2.52 34.52 -21.44
CA PHE A 273 1.31 35.29 -21.85
C PHE A 273 1.31 35.80 -23.33
N MET A 274 2.45 36.30 -23.77
CA MET A 274 2.57 36.77 -25.16
C MET A 274 2.39 35.64 -26.21
N GLY A 275 2.44 34.38 -25.78
CA GLY A 275 2.23 33.24 -26.71
C GLY A 275 0.76 32.88 -26.86
N CYS A 276 -0.10 33.59 -26.14
CA CYS A 276 -1.51 33.26 -26.10
C CYS A 276 -2.25 33.65 -27.40
N THR A 277 -2.63 32.65 -28.21
CA THR A 277 -3.21 32.91 -29.54
C THR A 277 -4.72 32.63 -29.62
N TYR A 278 -5.26 32.02 -28.55
CA TYR A 278 -6.70 31.83 -28.40
C TYR A 278 -7.08 31.41 -26.96
N LEU A 279 -8.39 31.42 -26.66
CA LEU A 279 -8.86 31.01 -25.34
C LEU A 279 -9.80 29.84 -25.46
N ALA A 280 -9.69 28.92 -24.50
CA ALA A 280 -10.57 27.76 -24.42
C ALA A 280 -11.47 27.81 -23.17
N VAL A 281 -12.74 27.56 -23.42
CA VAL A 281 -13.77 27.70 -22.42
C VAL A 281 -14.47 26.35 -22.36
N ALA A 282 -14.72 25.87 -21.15
CA ALA A 282 -15.47 24.62 -20.96
C ALA A 282 -16.87 24.73 -21.53
N ALA A 283 -17.37 23.59 -22.00
CA ALA A 283 -18.71 23.49 -22.60
C ALA A 283 -19.82 24.05 -21.71
N GLY A 284 -19.68 23.87 -20.39
CA GLY A 284 -20.66 24.43 -19.43
C GLY A 284 -20.45 25.91 -19.07
N HIS A 285 -19.57 26.60 -19.79
CA HIS A 285 -19.28 27.99 -19.47
C HIS A 285 -20.41 28.88 -19.97
N PRO A 286 -20.87 29.82 -19.10
CA PRO A 286 -21.91 30.82 -19.41
C PRO A 286 -21.76 31.46 -20.81
N LEU A 287 -20.52 31.83 -21.17
CA LEU A 287 -20.22 32.44 -22.48
C LEU A 287 -20.52 31.48 -23.61
N ALA A 288 -20.09 30.24 -23.47
CA ALA A 288 -20.36 29.23 -24.49
C ALA A 288 -21.90 28.96 -24.62
N GLN A 289 -22.61 29.02 -23.49
CA GLN A 289 -24.07 28.84 -23.47
C GLN A 289 -24.78 30.08 -24.01
N LYS A 290 -24.25 31.25 -23.70
CA LYS A 290 -24.69 32.47 -24.34
C LYS A 290 -24.68 32.32 -25.88
N ALA A 291 -23.49 32.15 -26.44
CA ALA A 291 -23.31 32.06 -27.90
C ALA A 291 -24.22 31.01 -28.51
N ALA A 292 -24.34 29.88 -27.81
CA ALA A 292 -25.10 28.71 -28.28
C ALA A 292 -26.59 28.99 -28.52
N GLU A 293 -27.06 30.20 -28.21
CA GLU A 293 -28.45 30.56 -28.51
C GLU A 293 -28.64 30.94 -29.97
N ASN A 294 -27.57 31.43 -30.57
CA ASN A 294 -27.62 31.89 -31.95
C ASN A 294 -26.66 31.12 -32.82
N ASN A 295 -26.19 30.00 -32.29
CA ASN A 295 -25.17 29.19 -32.95
C ASN A 295 -25.55 27.71 -32.85
N PRO A 296 -26.38 27.24 -33.80
CA PRO A 296 -26.91 25.88 -33.78
C PRO A 296 -25.83 24.84 -33.52
N GLU A 297 -24.69 25.01 -34.18
CA GLU A 297 -23.55 24.09 -34.07
C GLU A 297 -22.96 24.00 -32.64
N LEU A 298 -22.77 25.16 -32.00
CA LEU A 298 -22.31 25.19 -30.60
C LEU A 298 -23.25 24.41 -29.68
N ALA A 299 -24.55 24.60 -29.86
CA ALA A 299 -25.58 23.88 -29.10
C ALA A 299 -25.42 22.36 -29.20
N ALA A 300 -25.08 21.88 -30.40
CA ALA A 300 -24.82 20.47 -30.57
C ALA A 300 -23.71 20.03 -29.61
N PHE A 301 -22.67 20.86 -29.52
CA PHE A 301 -21.45 20.55 -28.75
C PHE A 301 -21.67 20.57 -27.23
N ILE A 302 -22.44 21.55 -26.74
CA ILE A 302 -22.79 21.62 -25.32
C ILE A 302 -23.57 20.37 -24.84
N ASP A 303 -23.87 19.46 -25.79
CA ASP A 303 -24.62 18.22 -25.49
C ASP A 303 -23.85 16.92 -25.79
N GLU A 304 -23.03 16.92 -26.85
CA GLU A 304 -22.12 15.80 -27.15
C GLU A 304 -21.09 15.59 -26.03
N CYS A 305 -20.99 16.58 -25.13
CA CYS A 305 -20.08 16.49 -23.99
C CYS A 305 -20.78 15.91 -22.75
N ARG A 306 -21.52 14.82 -22.95
CA ARG A 306 -22.12 14.05 -21.86
C ARG A 306 -21.95 12.53 -22.04
N ASN A 307 -21.96 12.06 -23.29
CA ASN A 307 -21.91 10.63 -23.59
C ASN A 307 -20.52 9.98 -23.48
N THR A 308 -19.51 10.78 -23.12
CA THR A 308 -18.16 10.27 -22.86
C THR A 308 -18.12 9.44 -21.57
N GLU A 319 -7.30 13.75 -26.86
CA GLU A 319 -8.34 13.60 -27.86
C GLU A 319 -9.28 14.83 -28.01
N LYS A 320 -8.95 15.73 -28.95
CA LYS A 320 -9.42 17.12 -28.90
C LYS A 320 -10.53 17.46 -29.87
N LYS A 321 -11.60 18.05 -29.34
CA LYS A 321 -12.70 18.54 -30.16
C LYS A 321 -13.17 19.90 -29.63
N GLY A 322 -13.63 20.77 -30.53
CA GLY A 322 -14.12 22.11 -30.14
C GLY A 322 -15.05 22.77 -31.16
N VAL A 323 -15.64 23.89 -30.78
CA VAL A 323 -16.45 24.71 -31.69
C VAL A 323 -16.15 26.18 -31.40
N ASP A 324 -16.13 27.00 -32.45
CA ASP A 324 -15.89 28.42 -32.29
C ASP A 324 -17.17 29.13 -31.81
N THR A 325 -17.01 29.98 -30.79
CA THR A 325 -18.14 30.74 -30.23
C THR A 325 -18.51 31.95 -31.08
N GLY A 326 -17.61 32.35 -31.97
CA GLY A 326 -17.77 33.62 -32.68
C GLY A 326 -17.22 34.81 -31.91
N PHE A 327 -17.12 34.68 -30.59
CA PHE A 327 -16.64 35.80 -29.76
C PHE A 327 -15.13 36.06 -29.89
N LYS A 328 -14.77 37.33 -29.94
CA LYS A 328 -13.38 37.74 -29.96
C LYS A 328 -13.05 38.35 -28.61
N ALA A 329 -11.99 37.85 -27.99
CA ALA A 329 -11.43 38.46 -26.77
C ALA A 329 -10.33 39.43 -27.13
N VAL A 330 -10.15 40.43 -26.28
CA VAL A 330 -9.01 41.36 -26.43
C VAL A 330 -7.90 41.05 -25.41
N HIS A 331 -6.80 40.48 -25.93
CA HIS A 331 -5.58 40.31 -25.21
C HIS A 331 -5.21 41.65 -24.60
N PRO A 332 -4.94 41.70 -23.28
CA PRO A 332 -4.69 42.98 -22.61
C PRO A 332 -3.33 43.60 -22.87
N LEU A 333 -2.32 42.80 -23.20
CA LEU A 333 -0.98 43.37 -23.38
C LEU A 333 -0.73 43.83 -24.82
N THR A 334 -1.43 43.22 -25.77
CA THR A 334 -1.09 43.42 -27.16
C THR A 334 -2.16 44.17 -27.97
N GLY A 335 -3.36 44.27 -27.41
CA GLY A 335 -4.46 44.88 -28.12
C GLY A 335 -5.04 43.96 -29.19
N GLU A 336 -4.31 42.88 -29.48
CA GLU A 336 -4.67 41.90 -30.51
C GLU A 336 -5.99 41.16 -30.19
N GLU A 337 -6.84 40.99 -31.19
CA GLU A 337 -8.12 40.29 -31.00
C GLU A 337 -7.95 38.78 -31.15
N ILE A 338 -8.46 38.02 -30.17
CA ILE A 338 -8.28 36.58 -30.22
C ILE A 338 -9.54 35.77 -30.03
N PRO A 339 -9.58 34.57 -30.64
CA PRO A 339 -10.83 33.85 -30.68
C PRO A 339 -11.07 32.97 -29.42
N VAL A 340 -12.32 32.98 -28.93
CA VAL A 340 -12.72 32.08 -27.86
C VAL A 340 -13.37 30.84 -28.45
N TRP A 341 -12.86 29.67 -28.11
CA TRP A 341 -13.53 28.43 -28.49
C TRP A 341 -14.09 27.73 -27.24
N ALA A 342 -15.13 26.93 -27.40
CA ALA A 342 -15.43 25.90 -26.43
C ALA A 342 -14.63 24.66 -26.75
N ALA A 343 -14.03 24.04 -25.72
CA ALA A 343 -13.17 22.90 -25.93
C ALA A 343 -13.50 21.75 -24.96
N ASN A 344 -13.41 20.52 -25.45
CA ASN A 344 -13.73 19.34 -24.65
C ASN A 344 -12.72 19.02 -23.52
N PHE A 345 -11.55 19.69 -23.54
CA PHE A 345 -10.51 19.42 -22.53
C PHE A 345 -10.48 20.44 -21.37
N VAL A 346 -11.33 21.45 -21.45
CA VAL A 346 -11.46 22.41 -20.35
C VAL A 346 -12.52 21.95 -19.34
N LEU A 347 -12.04 21.44 -18.20
CA LEU A 347 -12.87 21.19 -17.02
C LEU A 347 -13.64 22.41 -16.52
N MET A 348 -14.97 22.36 -16.60
CA MET A 348 -15.75 23.44 -15.98
C MET A 348 -15.60 23.50 -14.43
N GLU A 349 -15.17 22.39 -13.84
CA GLU A 349 -15.17 22.22 -12.39
C GLU A 349 -13.90 22.76 -11.73
N TYR A 350 -12.81 22.89 -12.50
CA TYR A 350 -11.54 23.37 -11.94
C TYR A 350 -11.30 24.80 -12.36
N GLY A 351 -10.52 25.52 -11.57
CA GLY A 351 -10.16 26.91 -11.87
C GLY A 351 -11.39 27.76 -12.14
N THR A 352 -11.46 28.34 -13.33
CA THR A 352 -12.57 29.20 -13.68
C THR A 352 -13.36 28.56 -14.80
N GLY A 353 -12.98 27.36 -15.17
CA GLY A 353 -13.56 26.68 -16.32
C GLY A 353 -13.13 27.31 -17.64
N ALA A 354 -11.96 27.93 -17.66
CA ALA A 354 -11.43 28.51 -18.89
C ALA A 354 -9.93 28.82 -18.82
N VAL A 355 -9.30 28.72 -19.96
CA VAL A 355 -7.85 28.84 -20.08
C VAL A 355 -7.44 29.82 -21.18
N MET A 356 -6.31 30.48 -20.99
CA MET A 356 -5.60 31.11 -22.08
C MET A 356 -4.81 30.00 -22.72
N ALA A 357 -5.06 29.76 -24.00
CA ALA A 357 -4.33 28.73 -24.71
C ALA A 357 -3.00 29.25 -25.24
N VAL A 358 -1.94 28.50 -24.92
CA VAL A 358 -0.58 28.81 -25.35
C VAL A 358 0.01 27.60 -26.08
N PRO A 359 -0.36 27.40 -27.37
CA PRO A 359 -0.04 26.16 -28.13
C PRO A 359 1.44 25.99 -28.42
N GLY A 360 2.21 27.08 -28.40
CA GLY A 360 3.65 26.93 -28.52
C GLY A 360 4.22 26.14 -27.38
N HIS A 361 3.43 25.93 -26.32
CA HIS A 361 4.01 25.55 -25.03
C HIS A 361 3.20 24.63 -24.11
N ASP A 362 1.95 24.34 -24.47
CA ASP A 362 1.19 23.30 -23.80
C ASP A 362 0.70 22.27 -24.82
N GLN A 363 0.93 20.98 -24.55
CA GLN A 363 0.59 19.91 -25.51
C GLN A 363 -0.90 19.80 -25.95
N ARG A 364 -1.83 20.01 -25.04
CA ARG A 364 -3.26 20.00 -25.38
C ARG A 364 -3.66 21.23 -26.23
N ASP A 365 -3.08 22.38 -25.92
CA ASP A 365 -3.27 23.59 -26.73
C ASP A 365 -2.69 23.40 -28.14
N TYR A 366 -1.50 22.80 -28.20
CA TYR A 366 -0.86 22.48 -29.46
C TYR A 366 -1.73 21.62 -30.40
N GLU A 367 -2.35 20.58 -29.85
CA GLU A 367 -3.11 19.64 -30.67
C GLU A 367 -4.44 20.20 -31.11
N PHE A 368 -5.07 20.95 -30.22
CA PHE A 368 -6.29 21.68 -30.53
C PHE A 368 -6.03 22.73 -31.65
N ALA A 369 -4.87 23.38 -31.58
CA ALA A 369 -4.61 24.55 -32.41
C ALA A 369 -4.29 24.13 -33.82
N SER A 370 -3.51 23.08 -33.96
CA SER A 370 -3.08 22.65 -35.27
C SER A 370 -4.15 21.79 -35.93
N LYS A 371 -5.08 21.27 -35.13
CA LYS A 371 -6.24 20.60 -35.70
C LYS A 371 -7.33 21.55 -36.19
N TYR A 372 -7.37 22.77 -35.64
CA TYR A 372 -8.36 23.77 -36.09
C TYR A 372 -7.70 24.97 -36.79
N GLY A 373 -6.39 24.83 -37.05
CA GLY A 373 -5.63 25.77 -37.86
C GLY A 373 -5.43 27.12 -37.19
N LEU A 374 -5.29 27.10 -35.85
CA LEU A 374 -5.05 28.30 -35.03
C LEU A 374 -3.56 28.62 -34.89
N ASN A 375 -3.23 29.90 -34.78
CA ASN A 375 -1.83 30.33 -34.77
C ASN A 375 -1.04 29.70 -33.61
N ILE A 376 0.12 29.13 -33.92
CA ILE A 376 1.05 28.66 -32.92
C ILE A 376 2.19 29.66 -32.83
N LYS A 377 2.64 29.98 -31.63
CA LYS A 377 3.59 31.07 -31.48
C LYS A 377 4.64 30.81 -30.38
N PRO A 378 5.93 30.90 -30.75
CA PRO A 378 6.96 30.55 -29.81
C PRO A 378 7.30 31.75 -28.95
N VAL A 379 7.44 31.56 -27.65
CA VAL A 379 7.75 32.68 -26.74
C VAL A 379 8.74 32.30 -25.66
N ILE A 380 9.02 31.00 -25.56
CA ILE A 380 10.07 30.47 -24.65
C ILE A 380 11.25 29.89 -25.44
N LEU A 381 12.47 30.36 -25.14
CA LEU A 381 13.70 29.82 -25.76
C LEU A 381 13.98 28.33 -25.46
N ALA A 382 14.83 27.71 -26.29
CA ALA A 382 15.29 26.34 -26.06
C ALA A 382 16.19 26.28 -24.83
N ALA A 383 16.28 25.10 -24.22
CA ALA A 383 17.23 24.84 -23.13
C ALA A 383 18.60 25.45 -23.42
N ASP A 384 19.04 25.39 -24.68
CA ASP A 384 20.39 25.76 -25.11
C ASP A 384 20.59 27.24 -25.55
N GLY A 385 19.57 28.07 -25.35
CA GLY A 385 19.59 29.46 -25.84
C GLY A 385 18.89 29.72 -27.18
N SER A 386 18.49 28.66 -27.89
CA SER A 386 18.00 28.80 -29.28
C SER A 386 16.46 28.85 -29.41
N GLU A 387 15.95 29.43 -30.49
CA GLU A 387 14.52 29.38 -30.77
C GLU A 387 14.09 27.93 -31.08
N PRO A 388 12.94 27.51 -30.53
CA PRO A 388 12.63 26.06 -30.46
C PRO A 388 11.96 25.53 -31.71
N ASP A 389 12.14 24.23 -31.95
CA ASP A 389 11.40 23.57 -33.02
C ASP A 389 9.98 23.14 -32.57
N LEU A 390 8.98 23.92 -32.98
CA LEU A 390 7.58 23.64 -32.70
C LEU A 390 6.88 22.92 -33.85
N SER A 391 7.65 22.40 -34.81
CA SER A 391 7.08 21.68 -35.97
C SER A 391 6.37 20.35 -35.60
N GLN A 392 6.92 19.64 -34.61
CA GLN A 392 6.33 18.38 -34.14
C GLN A 392 5.28 18.63 -33.04
N GLN A 393 5.62 19.52 -32.10
CA GLN A 393 4.97 19.52 -30.80
C GLN A 393 5.37 20.73 -29.92
N ALA A 394 4.56 20.96 -28.89
CA ALA A 394 4.79 21.99 -27.91
C ALA A 394 6.18 21.82 -27.24
N LEU A 395 6.88 22.94 -27.00
CA LEU A 395 8.04 22.94 -26.11
C LEU A 395 7.65 23.21 -24.64
N THR A 396 7.95 22.25 -23.78
CA THR A 396 7.29 22.12 -22.51
C THR A 396 7.98 22.81 -21.33
N GLU A 397 9.31 22.87 -21.37
CA GLU A 397 10.12 23.23 -20.20
C GLU A 397 10.19 24.73 -20.01
N LYS A 398 10.32 25.17 -18.75
CA LYS A 398 10.44 26.60 -18.43
C LYS A 398 11.78 27.09 -18.95
N GLY A 399 11.80 28.30 -19.51
CA GLY A 399 13.04 28.89 -20.05
C GLY A 399 12.94 30.38 -20.33
N VAL A 400 13.94 30.92 -20.99
CA VAL A 400 14.04 32.36 -21.17
C VAL A 400 13.04 32.90 -22.21
N LEU A 401 12.51 34.11 -21.98
CA LEU A 401 11.48 34.66 -22.82
C LEU A 401 12.06 35.40 -24.03
N PHE A 402 11.42 35.21 -25.18
CA PHE A 402 11.63 36.07 -26.33
C PHE A 402 10.29 36.21 -26.99
N ASN A 403 10.18 37.15 -27.92
CA ASN A 403 8.97 37.29 -28.71
C ASN A 403 7.82 37.81 -27.88
N SER A 404 8.16 38.64 -26.87
CA SER A 404 7.31 38.99 -25.72
C SER A 404 7.52 40.43 -25.26
N GLY A 405 7.98 41.28 -26.18
CA GLY A 405 8.20 42.71 -25.91
C GLY A 405 9.10 43.00 -24.73
N GLU A 406 8.60 43.85 -23.84
CA GLU A 406 9.36 44.30 -22.66
C GLU A 406 9.82 43.16 -21.74
N PHE A 407 9.35 41.94 -22.01
CA PHE A 407 9.58 40.79 -21.13
C PHE A 407 10.65 39.86 -21.69
N ASN A 408 11.17 40.24 -22.86
CA ASN A 408 12.28 39.51 -23.49
C ASN A 408 13.53 39.39 -22.61
N GLY A 409 14.06 38.16 -22.51
CA GLY A 409 15.32 37.90 -21.81
C GLY A 409 15.13 37.55 -20.33
N LEU A 410 13.94 37.83 -19.83
CA LEU A 410 13.55 37.39 -18.51
C LEU A 410 13.51 35.88 -18.47
N ASP A 411 14.01 35.28 -17.40
CA ASP A 411 13.77 33.86 -17.15
C ASP A 411 12.48 33.61 -16.37
N HIS A 412 12.17 32.33 -16.17
CA HIS A 412 10.84 31.89 -15.79
C HIS A 412 10.28 32.65 -14.60
N GLU A 413 11.08 32.71 -13.52
CA GLU A 413 10.66 33.25 -12.24
C GLU A 413 10.48 34.75 -12.28
N ALA A 414 11.51 35.44 -12.76
CA ALA A 414 11.46 36.90 -12.95
C ALA A 414 10.28 37.30 -13.87
N ALA A 415 9.99 36.46 -14.86
CA ALA A 415 8.96 36.74 -15.85
C ALA A 415 7.55 36.49 -15.31
N PHE A 416 7.32 35.30 -14.76
CA PHE A 416 6.13 35.01 -13.97
C PHE A 416 5.72 36.25 -13.16
N ASN A 417 6.65 36.75 -12.33
CA ASN A 417 6.37 37.87 -11.43
C ASN A 417 6.25 39.23 -12.09
N ALA A 418 6.96 39.45 -13.18
CA ALA A 418 6.87 40.73 -13.88
C ALA A 418 5.50 40.85 -14.53
N ILE A 419 5.05 39.75 -15.12
CA ILE A 419 3.81 39.76 -15.88
C ILE A 419 2.57 39.72 -14.98
N ALA A 420 2.67 38.98 -13.86
CA ALA A 420 1.66 39.09 -12.79
C ALA A 420 1.56 40.52 -12.17
N ASP A 421 2.68 41.13 -11.78
CA ASP A 421 2.67 42.51 -11.22
C ASP A 421 1.97 43.45 -12.20
N LYS A 422 2.43 43.43 -13.44
CA LYS A 422 1.90 44.31 -14.47
C LYS A 422 0.39 44.15 -14.60
N LEU A 423 -0.08 42.91 -14.77
CA LEU A 423 -1.54 42.60 -14.83
C LEU A 423 -2.34 42.97 -13.57
N THR A 424 -1.84 42.61 -12.39
CA THR A 424 -2.42 43.12 -11.15
C THR A 424 -2.58 44.65 -11.23
N ALA A 425 -1.51 45.34 -11.64
CA ALA A 425 -1.55 46.81 -11.69
C ALA A 425 -2.45 47.39 -12.79
N MET A 426 -2.64 46.69 -13.89
CA MET A 426 -3.65 47.12 -14.90
C MET A 426 -5.05 46.76 -14.45
N GLY A 427 -5.14 46.00 -13.35
CA GLY A 427 -6.44 45.60 -12.83
C GLY A 427 -7.17 44.57 -13.69
N VAL A 428 -6.41 43.71 -14.37
CA VAL A 428 -6.97 42.56 -15.09
C VAL A 428 -6.33 41.21 -14.72
N GLY A 429 -5.69 41.13 -13.55
CA GLY A 429 -5.10 39.87 -13.14
C GLY A 429 -4.78 39.82 -11.67
N GLU A 430 -4.78 38.62 -11.11
CA GLU A 430 -4.29 38.45 -9.74
C GLU A 430 -3.78 37.04 -9.51
N ARG A 431 -2.80 36.92 -8.65
CA ARG A 431 -2.35 35.61 -8.24
C ARG A 431 -3.48 34.87 -7.54
N LYS A 432 -3.36 33.55 -7.55
CA LYS A 432 -4.44 32.68 -7.21
C LYS A 432 -3.85 31.31 -6.95
N VAL A 433 -4.20 30.73 -5.82
CA VAL A 433 -3.96 29.32 -5.56
C VAL A 433 -5.23 28.50 -5.86
N ASN A 434 -5.07 27.41 -6.57
CA ASN A 434 -6.16 26.48 -6.77
C ASN A 434 -5.70 25.08 -6.32
N TYR A 435 -6.66 24.18 -6.18
CA TYR A 435 -6.36 22.84 -5.73
C TYR A 435 -7.10 21.87 -6.62
N ARG A 436 -6.45 20.75 -6.92
CA ARG A 436 -7.08 19.72 -7.70
C ARG A 436 -8.06 18.96 -6.81
N LEU A 437 -7.78 18.97 -5.51
CA LEU A 437 -8.56 18.20 -4.55
C LEU A 437 -9.99 18.77 -4.49
N ARG A 438 -10.97 17.95 -4.81
CA ARG A 438 -12.38 18.33 -4.56
C ARG A 438 -12.95 17.73 -3.28
N ASP A 439 -14.05 18.32 -2.81
CA ASP A 439 -14.77 17.79 -1.65
C ASP A 439 -15.28 16.34 -1.82
N TRP A 440 -15.39 15.64 -0.71
CA TRP A 440 -15.56 14.20 -0.71
C TRP A 440 -17.06 13.89 -0.78
N GLY A 441 -17.47 13.22 -1.86
CA GLY A 441 -18.89 12.88 -2.05
C GLY A 441 -19.26 11.59 -1.33
N VAL A 442 -20.11 11.67 -0.31
CA VAL A 442 -20.31 10.48 0.56
C VAL A 442 -21.62 9.69 0.39
N SER A 443 -22.61 10.26 -0.31
CA SER A 443 -23.90 9.58 -0.59
C SER A 443 -23.82 8.55 -1.71
N ARG A 444 -24.54 7.45 -1.53
CA ARG A 444 -24.83 6.54 -2.61
C ARG A 444 -26.29 6.26 -2.65
N GLN A 445 -26.75 5.97 -3.85
CA GLN A 445 -28.10 5.49 -4.04
C GLN A 445 -27.99 3.99 -4.05
N ARG A 446 -27.68 3.41 -2.90
CA ARG A 446 -27.45 1.98 -2.80
C ARG A 446 -28.12 1.53 -1.53
N TYR A 447 -28.45 0.25 -1.41
CA TYR A 447 -29.10 -0.24 -0.17
C TYR A 447 -28.11 -0.72 0.92
N TRP A 448 -27.02 -1.35 0.50
CA TRP A 448 -26.13 -2.06 1.45
C TRP A 448 -25.02 -1.10 1.94
N GLY A 449 -25.34 -0.34 2.97
CA GLY A 449 -24.44 0.68 3.48
C GLY A 449 -25.20 1.35 4.58
N ALA A 450 -24.48 2.11 5.42
CA ALA A 450 -25.06 2.81 6.54
C ALA A 450 -25.95 3.95 6.07
N PRO A 451 -27.19 4.02 6.59
CA PRO A 451 -28.10 5.11 6.28
C PRO A 451 -27.50 6.46 6.65
N ILE A 452 -27.88 7.51 5.92
CA ILE A 452 -27.37 8.85 6.17
C ILE A 452 -28.28 9.59 7.15
N PRO A 453 -27.77 9.89 8.34
CA PRO A 453 -28.56 10.48 9.43
C PRO A 453 -29.02 11.95 9.19
N MET A 454 -29.63 12.22 8.05
CA MET A 454 -30.19 13.54 7.80
C MET A 454 -31.72 13.48 7.56
N VAL A 455 -32.44 14.57 7.92
CA VAL A 455 -33.91 14.66 7.77
C VAL A 455 -34.40 15.94 7.07
N THR A 456 -35.38 15.77 6.16
CA THR A 456 -36.12 16.91 5.58
C THR A 456 -37.46 17.10 6.27
N LEU A 457 -37.63 18.20 6.99
CA LEU A 457 -38.95 18.53 7.55
C LEU A 457 -39.88 19.01 6.45
N GLU A 458 -41.19 18.90 6.68
CA GLU A 458 -42.16 19.18 5.63
C GLU A 458 -42.15 20.64 5.18
N ASP A 459 -41.67 21.53 6.06
CA ASP A 459 -41.48 22.94 5.73
C ASP A 459 -40.30 23.20 4.76
N GLY A 460 -39.42 22.21 4.63
CA GLY A 460 -38.33 22.29 3.65
C GLY A 460 -36.92 22.35 4.23
N THR A 461 -36.82 22.57 5.55
CA THR A 461 -35.53 22.67 6.20
C THR A 461 -34.90 21.28 6.41
N VAL A 462 -33.67 21.14 5.93
CA VAL A 462 -32.82 19.99 6.22
C VAL A 462 -32.09 20.18 7.55
N MET A 463 -32.09 19.12 8.37
CA MET A 463 -31.23 19.04 9.55
C MET A 463 -30.83 17.59 9.87
N PRO A 464 -29.81 17.41 10.70
CA PRO A 464 -29.45 16.10 11.22
C PRO A 464 -30.61 15.40 11.94
N THR A 465 -30.62 14.07 11.80
CA THR A 465 -31.46 13.20 12.61
C THR A 465 -31.16 13.43 14.09
N PRO A 466 -32.24 13.59 14.92
CA PRO A 466 -32.07 13.89 16.36
C PRO A 466 -31.36 12.76 17.12
N ASP A 467 -30.66 13.13 18.19
CA ASP A 467 -29.85 12.18 18.94
C ASP A 467 -30.64 10.96 19.43
N ASP A 468 -31.92 11.17 19.75
CA ASP A 468 -32.78 10.06 20.20
C ASP A 468 -33.36 9.17 19.09
N GLN A 469 -33.14 9.55 17.83
CA GLN A 469 -33.49 8.67 16.72
C GLN A 469 -32.26 7.99 16.10
N LEU A 470 -31.15 7.96 16.85
CA LEU A 470 -29.89 7.32 16.41
C LEU A 470 -29.59 6.06 17.24
N PRO A 471 -29.12 4.97 16.59
CA PRO A 471 -28.74 4.82 15.16
C PRO A 471 -29.93 4.75 14.22
N VAL A 472 -29.75 5.22 12.98
CA VAL A 472 -30.71 4.94 11.96
C VAL A 472 -30.42 3.57 11.41
N ILE A 473 -31.19 2.59 11.87
CA ILE A 473 -30.95 1.23 11.50
C ILE A 473 -31.39 0.94 10.07
N LEU A 474 -30.48 0.41 9.27
CA LEU A 474 -30.84 -0.19 8.02
C LEU A 474 -31.38 -1.60 8.28
N PRO A 475 -32.49 -1.97 7.61
CA PRO A 475 -33.13 -3.29 7.87
C PRO A 475 -32.53 -4.42 7.05
N GLU A 476 -32.30 -5.56 7.67
CA GLU A 476 -31.54 -6.61 7.03
C GLU A 476 -32.43 -7.66 6.35
N ASP A 477 -33.68 -7.75 6.81
CA ASP A 477 -34.66 -8.67 6.24
C ASP A 477 -35.42 -8.00 5.11
N VAL A 478 -34.98 -8.25 3.88
CA VAL A 478 -35.50 -7.49 2.74
C VAL A 478 -35.52 -8.42 1.56
N VAL A 479 -36.32 -8.08 0.55
CA VAL A 479 -36.26 -8.72 -0.78
C VAL A 479 -35.67 -7.73 -1.82
N MET A 480 -34.73 -8.18 -2.65
CA MET A 480 -34.15 -7.31 -3.67
C MET A 480 -34.86 -7.46 -5.00
N ASP A 481 -35.57 -6.43 -5.42
CA ASP A 481 -36.09 -6.32 -6.80
C ASP A 481 -34.96 -5.85 -7.70
N GLY A 482 -33.83 -6.53 -7.60
CA GLY A 482 -32.51 -5.89 -7.67
C GLY A 482 -32.35 -4.74 -8.65
N ILE A 483 -32.99 -3.61 -8.36
CA ILE A 483 -32.71 -2.37 -9.10
C ILE A 483 -33.23 -1.10 -8.39
N THR A 484 -34.02 -1.30 -7.33
CA THR A 484 -34.35 -0.22 -6.40
C THR A 484 -33.96 -0.64 -4.98
N SER A 485 -33.37 0.27 -4.23
CA SER A 485 -33.09 0.04 -2.82
C SER A 485 -34.41 -0.23 -2.07
N PRO A 486 -34.50 -1.37 -1.36
CA PRO A 486 -35.66 -1.68 -0.55
C PRO A 486 -36.08 -0.58 0.39
N ILE A 487 -35.16 0.32 0.75
CA ILE A 487 -35.55 1.43 1.60
C ILE A 487 -36.01 2.64 0.78
N LYS A 488 -35.90 2.51 -0.56
CA LYS A 488 -36.42 3.52 -1.51
C LYS A 488 -37.79 3.11 -2.09
N ALA A 489 -37.89 1.84 -2.49
CA ALA A 489 -39.11 1.30 -3.14
C ALA A 489 -40.33 1.26 -2.20
N ASP A 490 -40.08 1.07 -0.92
CA ASP A 490 -41.13 1.15 0.06
C ASP A 490 -41.15 2.55 0.59
N PRO A 491 -42.30 3.25 0.47
CA PRO A 491 -42.38 4.68 0.78
C PRO A 491 -42.69 4.93 2.25
N GLU A 492 -42.95 3.85 3.00
CA GLU A 492 -43.16 3.94 4.44
C GLU A 492 -41.88 4.16 5.25
N TRP A 493 -40.76 3.64 4.76
CA TRP A 493 -39.55 3.62 5.55
C TRP A 493 -39.09 5.04 5.72
N ALA A 494 -39.02 5.73 4.58
CA ALA A 494 -38.69 7.15 4.54
C ALA A 494 -39.51 7.96 5.53
N LYS A 495 -40.78 7.59 5.69
CA LYS A 495 -41.69 8.31 6.61
C LYS A 495 -41.25 8.19 8.06
N THR A 496 -41.20 9.34 8.73
CA THR A 496 -40.83 9.43 10.14
C THR A 496 -41.38 10.78 10.70
N THR A 497 -40.95 11.17 11.91
CA THR A 497 -41.50 12.37 12.57
C THR A 497 -40.51 12.98 13.56
N VAL A 498 -40.24 14.29 13.43
CA VAL A 498 -39.35 15.00 14.36
C VAL A 498 -40.06 16.11 15.13
N ASN A 499 -40.04 16.00 16.46
CA ASN A 499 -40.64 17.00 17.36
C ASN A 499 -42.16 17.13 17.18
N GLY A 500 -42.80 16.05 16.70
CA GLY A 500 -44.11 16.19 16.07
C GLY A 500 -44.00 17.08 14.83
N MET A 501 -44.88 16.86 13.87
CA MET A 501 -44.68 17.35 12.50
C MET A 501 -43.87 16.31 11.73
N PRO A 502 -44.42 15.85 10.59
CA PRO A 502 -43.86 14.73 9.86
C PRO A 502 -42.60 15.12 9.13
N ALA A 503 -41.83 14.10 8.75
CA ALA A 503 -40.50 14.28 8.22
C ALA A 503 -40.14 13.12 7.30
N LEU A 504 -39.33 13.41 6.28
CA LEU A 504 -38.87 12.38 5.36
C LEU A 504 -37.39 12.15 5.63
N ARG A 505 -36.98 10.92 5.90
CA ARG A 505 -35.57 10.68 6.18
C ARG A 505 -34.79 10.23 4.97
N GLU A 506 -33.48 10.51 4.99
CA GLU A 506 -32.61 10.24 3.85
C GLU A 506 -32.56 8.75 3.53
N THR A 507 -32.35 8.47 2.26
CA THR A 507 -32.61 7.18 1.69
C THR A 507 -31.30 6.69 1.01
N ASP A 508 -30.40 7.64 0.73
CA ASP A 508 -29.04 7.32 0.30
C ASP A 508 -28.24 6.73 1.49
N THR A 509 -27.26 5.87 1.18
CA THR A 509 -26.43 5.28 2.22
C THR A 509 -25.01 5.77 2.05
N PHE A 510 -24.15 5.48 3.03
CA PHE A 510 -22.78 6.06 3.02
C PHE A 510 -21.94 5.36 2.02
N ASP A 511 -21.13 6.14 1.32
CA ASP A 511 -19.92 5.63 0.70
C ASP A 511 -19.23 4.67 1.68
N THR A 512 -18.84 3.49 1.20
CA THR A 512 -18.18 2.47 2.00
C THR A 512 -16.77 2.86 2.49
N PHE A 513 -16.19 3.88 1.86
CA PHE A 513 -14.91 4.45 2.35
C PHE A 513 -15.11 5.05 3.72
N MET A 514 -16.35 5.36 4.03
CA MET A 514 -16.69 5.89 5.34
C MET A 514 -16.40 4.89 6.51
N GLU A 515 -16.70 3.60 6.36
CA GLU A 515 -16.39 2.69 7.48
C GLU A 515 -14.88 2.42 7.61
N SER A 516 -14.20 2.29 6.47
CA SER A 516 -12.79 1.97 6.50
C SER A 516 -11.89 3.14 6.86
N SER A 517 -12.47 4.32 7.11
CA SER A 517 -11.67 5.49 7.46
C SER A 517 -11.40 5.65 8.93
N TRP A 518 -12.06 4.85 9.77
CA TRP A 518 -11.93 5.02 11.20
C TRP A 518 -11.86 3.72 12.00
N TYR A 519 -11.96 2.58 11.30
CA TYR A 519 -11.97 1.30 11.97
C TYR A 519 -10.73 1.07 12.80
N TYR A 520 -9.58 1.58 12.34
CA TYR A 520 -8.28 1.27 12.93
C TYR A 520 -8.29 1.82 14.34
N ALA A 521 -9.04 2.90 14.51
CA ALA A 521 -9.15 3.62 15.78
C ALA A 521 -10.21 2.97 16.70
N ARG A 522 -11.18 2.26 16.08
CA ARG A 522 -12.28 1.68 16.84
C ARG A 522 -11.84 0.36 17.48
N TYR A 523 -10.91 -0.32 16.81
CA TYR A 523 -10.17 -1.44 17.36
C TYR A 523 -9.61 -1.18 18.77
N THR A 524 -9.35 0.08 19.09
CA THR A 524 -8.82 0.37 20.41
C THR A 524 -9.86 0.22 21.52
N CYS A 525 -11.15 0.29 21.16
CA CYS A 525 -12.22 0.29 22.20
C CYS A 525 -13.52 -0.17 21.60
N PRO A 526 -13.58 -1.43 21.08
CA PRO A 526 -14.63 -1.83 20.15
C PRO A 526 -15.96 -2.06 20.81
N GLN A 527 -16.01 -2.05 22.14
CA GLN A 527 -17.24 -2.39 22.84
C GLN A 527 -17.66 -1.22 23.68
N TYR A 528 -17.16 -0.04 23.34
CA TYR A 528 -17.45 1.14 24.13
C TYR A 528 -18.72 1.79 23.59
N LYS A 529 -19.82 1.78 24.36
CA LYS A 529 -20.92 2.71 24.08
C LYS A 529 -20.65 3.94 24.90
N GLU A 530 -21.39 5.01 24.70
CA GLU A 530 -21.04 6.29 25.31
C GLU A 530 -20.25 7.16 24.36
N GLY A 531 -19.63 6.56 23.37
CA GLY A 531 -18.80 7.34 22.44
C GLY A 531 -18.18 6.55 21.30
N MET A 532 -17.85 7.26 20.23
CA MET A 532 -17.13 6.71 19.10
C MET A 532 -15.79 6.14 19.52
N LEU A 533 -15.02 6.91 20.29
CA LEU A 533 -13.79 6.39 20.87
C LEU A 533 -13.76 6.59 22.37
N ASP A 534 -13.14 5.65 23.08
CA ASP A 534 -12.61 5.91 24.43
C ASP A 534 -11.24 6.55 24.26
N SER A 535 -11.13 7.82 24.58
CA SER A 535 -9.90 8.58 24.33
C SER A 535 -8.63 8.05 25.02
N GLU A 536 -8.72 7.60 26.27
CA GLU A 536 -7.56 6.95 26.91
C GLU A 536 -7.10 5.66 26.21
N ALA A 537 -8.06 4.85 25.74
CA ALA A 537 -7.72 3.67 25.00
C ALA A 537 -7.10 4.05 23.67
N ALA A 538 -7.73 4.95 22.95
CA ALA A 538 -7.28 5.30 21.62
C ALA A 538 -5.88 5.91 21.65
N ASN A 539 -5.60 6.76 22.65
CA ASN A 539 -4.32 7.47 22.73
C ASN A 539 -3.21 6.63 23.25
N TYR A 540 -3.56 5.54 23.93
CA TYR A 540 -2.56 4.59 24.38
C TYR A 540 -1.96 3.86 23.17
N TRP A 541 -2.84 3.41 22.25
CA TRP A 541 -2.45 2.57 21.11
C TRP A 541 -1.99 3.32 19.89
N LEU A 542 -2.56 4.49 19.66
CA LEU A 542 -2.26 5.26 18.48
C LEU A 542 -1.04 6.11 18.70
N PRO A 543 -0.33 6.46 17.62
CA PRO A 543 -0.60 6.04 16.22
C PRO A 543 -0.21 4.57 16.01
N VAL A 544 -0.85 3.96 15.01
CA VAL A 544 -0.45 2.66 14.51
C VAL A 544 1.05 2.68 14.23
N ASP A 545 1.76 1.63 14.66
CA ASP A 545 3.21 1.53 14.44
C ASP A 545 3.53 1.08 13.01
N ILE A 546 2.89 0.00 12.56
CA ILE A 546 3.00 -0.33 11.16
C ILE A 546 1.67 -0.69 10.54
N TYR A 547 1.41 -0.10 9.37
CA TYR A 547 0.22 -0.38 8.62
C TYR A 547 0.61 -1.12 7.35
N ILE A 548 0.03 -2.31 7.16
CA ILE A 548 0.45 -3.16 6.03
C ILE A 548 -0.66 -3.40 5.03
N GLY A 549 -0.55 -2.79 3.85
CA GLY A 549 -1.46 -3.09 2.72
C GLY A 549 -0.92 -2.73 1.33
N GLY A 550 -1.71 -3.01 0.28
CA GLY A 550 -1.36 -2.68 -1.12
C GLY A 550 -1.21 -1.19 -1.42
N ILE A 551 -0.42 -0.86 -2.44
CA ILE A 551 -0.16 0.52 -2.86
C ILE A 551 -1.34 1.12 -3.65
N GLU A 552 -2.32 0.28 -4.00
CA GLU A 552 -3.47 0.70 -4.82
C GLU A 552 -4.44 1.66 -4.11
N HIS A 553 -4.33 1.77 -2.79
CA HIS A 553 -5.32 2.51 -2.01
C HIS A 553 -4.79 3.92 -1.72
N ALA A 554 -3.65 4.23 -2.31
CA ALA A 554 -2.84 5.44 -2.01
C ALA A 554 -3.58 6.81 -1.91
N ILE A 555 -4.52 7.06 -2.83
CA ILE A 555 -5.18 8.38 -2.87
C ILE A 555 -6.68 8.26 -2.59
N MET A 556 -7.07 7.05 -2.19
CA MET A 556 -8.39 6.84 -1.68
C MET A 556 -8.27 6.56 -0.20
N HIS A 557 -8.23 5.29 0.20
CA HIS A 557 -8.24 4.97 1.61
C HIS A 557 -7.10 5.67 2.38
N LEU A 558 -5.89 5.65 1.81
CA LEU A 558 -4.73 6.16 2.54
C LEU A 558 -4.83 7.64 2.78
N LEU A 559 -5.71 8.29 2.04
CA LEU A 559 -5.91 9.70 2.19
C LEU A 559 -7.10 9.98 3.11
N TYR A 560 -8.18 9.23 2.92
CA TYR A 560 -9.35 9.39 3.77
C TYR A 560 -9.08 9.15 5.25
N PHE A 561 -8.32 8.12 5.56
CA PHE A 561 -8.05 7.86 6.96
C PHE A 561 -7.11 8.88 7.65
N ARG A 562 -6.27 9.56 6.89
CA ARG A 562 -5.47 10.66 7.48
C ARG A 562 -6.36 11.83 7.79
N PHE A 563 -7.23 12.16 6.82
CA PHE A 563 -8.19 13.19 6.95
C PHE A 563 -9.14 12.91 8.13
N PHE A 564 -9.70 11.71 8.19
CA PHE A 564 -10.58 11.33 9.33
C PHE A 564 -9.86 11.38 10.68
N HIS A 565 -8.59 10.97 10.72
CA HIS A 565 -7.87 11.02 11.97
C HIS A 565 -7.81 12.46 12.53
N LYS A 566 -7.52 13.41 11.64
CA LYS A 566 -7.46 14.84 11.98
C LYS A 566 -8.85 15.39 12.36
N LEU A 567 -9.90 14.91 11.67
CA LEU A 567 -11.28 15.14 12.12
C LEU A 567 -11.53 14.72 13.57
N MET A 568 -11.07 13.52 13.93
CA MET A 568 -11.26 12.99 15.27
C MET A 568 -10.43 13.72 16.31
N ARG A 569 -9.21 14.14 15.93
CA ARG A 569 -8.36 14.96 16.78
C ARG A 569 -9.05 16.30 17.07
N ASP A 570 -9.65 16.89 16.04
CA ASP A 570 -10.29 18.18 16.15
C ASP A 570 -11.62 18.17 16.90
N ALA A 571 -12.20 16.98 17.06
CA ALA A 571 -13.31 16.76 17.98
C ALA A 571 -12.85 16.33 19.38
N GLY A 572 -11.55 16.38 19.64
CA GLY A 572 -11.04 16.05 20.95
C GLY A 572 -11.06 14.56 21.29
N MET A 573 -11.17 13.70 20.28
CA MET A 573 -11.21 12.27 20.52
C MET A 573 -9.83 11.63 20.53
N VAL A 574 -8.84 12.26 19.88
CA VAL A 574 -7.44 11.78 19.91
C VAL A 574 -6.50 12.94 19.97
N ASN A 575 -5.27 12.69 20.43
CA ASN A 575 -4.29 13.76 20.66
C ASN A 575 -3.03 13.68 19.75
N SER A 576 -3.19 13.21 18.53
CA SER A 576 -2.06 13.11 17.63
C SER A 576 -2.53 13.48 16.24
N ASP A 577 -1.60 13.92 15.40
CA ASP A 577 -1.90 14.54 14.09
C ASP A 577 -2.06 13.54 12.94
N GLU A 578 -1.44 12.37 13.08
CA GLU A 578 -1.36 11.41 12.00
C GLU A 578 -1.66 10.02 12.54
N PRO A 579 -2.37 9.19 11.76
CA PRO A 579 -2.82 7.87 12.27
C PRO A 579 -1.78 6.73 12.27
N ALA A 580 -0.78 6.82 11.40
CA ALA A 580 0.15 5.71 11.19
C ALA A 580 1.61 6.13 10.89
N LYS A 581 2.58 5.53 11.59
CA LYS A 581 3.98 5.94 11.48
C LYS A 581 4.62 5.34 10.23
N GLN A 582 4.61 4.01 10.13
CA GLN A 582 5.13 3.32 8.94
C GLN A 582 4.01 2.72 8.08
N LEU A 583 4.10 2.92 6.78
CA LEU A 583 3.23 2.20 5.83
C LEU A 583 4.10 1.25 5.07
N LEU A 584 3.75 -0.02 5.12
CA LEU A 584 4.40 -0.99 4.27
C LEU A 584 3.42 -1.55 3.22
N CYS A 585 3.81 -1.46 1.95
CA CYS A 585 2.95 -1.89 0.84
C CYS A 585 3.52 -3.16 0.22
N GLN A 586 2.84 -4.28 0.40
CA GLN A 586 3.44 -5.56 0.02
C GLN A 586 3.16 -5.79 -1.47
N GLY A 587 4.10 -6.41 -2.17
CA GLY A 587 3.96 -6.59 -3.61
C GLY A 587 2.86 -7.59 -3.99
N MET A 588 2.66 -7.76 -5.29
CA MET A 588 1.66 -8.70 -5.81
C MET A 588 2.17 -10.11 -5.81
N VAL A 589 1.23 -11.02 -5.70
CA VAL A 589 1.48 -12.43 -5.94
C VAL A 589 1.16 -12.80 -7.40
N LEU A 590 2.16 -13.29 -8.12
CA LEU A 590 2.01 -13.61 -9.53
C LEU A 590 2.01 -15.14 -9.68
N ALA A 591 1.35 -15.63 -10.73
CA ALA A 591 1.44 -17.01 -11.11
C ALA A 591 1.73 -17.16 -12.60
N ASP A 592 2.17 -18.34 -13.00
CA ASP A 592 2.38 -18.62 -14.42
C ASP A 592 1.07 -18.58 -15.18
N ALA A 593 1.12 -18.10 -16.42
CA ALA A 593 -0.08 -18.06 -17.27
C ALA A 593 0.09 -18.76 -18.64
N PHE A 594 -0.90 -19.58 -19.01
CA PHE A 594 -0.85 -20.35 -20.25
C PHE A 594 -2.09 -20.11 -21.07
N TYR A 595 -1.99 -20.33 -22.37
CA TYR A 595 -3.18 -20.36 -23.21
C TYR A 595 -2.92 -21.14 -24.46
N TYR A 596 -3.99 -21.77 -24.98
CA TYR A 596 -4.00 -22.24 -26.36
C TYR A 596 -4.97 -21.47 -27.29
N VAL A 597 -4.64 -21.49 -28.55
CA VAL A 597 -5.52 -20.93 -29.53
C VAL A 597 -6.42 -22.03 -30.04
N GLY A 598 -7.73 -21.86 -29.88
CA GLY A 598 -8.68 -22.88 -30.36
C GLY A 598 -8.94 -22.82 -31.86
N GLU A 599 -9.67 -23.81 -32.35
CA GLU A 599 -9.98 -23.93 -33.76
C GLU A 599 -10.62 -22.63 -34.29
N ASN A 600 -11.32 -21.94 -33.40
CA ASN A 600 -12.05 -20.75 -33.74
C ASN A 600 -11.21 -19.47 -33.61
N GLY A 601 -9.92 -19.59 -33.34
CA GLY A 601 -9.04 -18.40 -33.18
C GLY A 601 -9.13 -17.70 -31.81
N GLU A 602 -9.85 -18.29 -30.87
CA GLU A 602 -10.03 -17.67 -29.55
C GLU A 602 -9.01 -18.23 -28.53
N ARG A 603 -8.39 -17.34 -27.74
CA ARG A 603 -7.44 -17.75 -26.70
C ARG A 603 -8.17 -18.38 -25.51
N ASN A 604 -7.84 -19.63 -25.19
CA ASN A 604 -8.34 -20.27 -23.96
C ASN A 604 -7.28 -20.44 -22.89
N TRP A 605 -7.51 -19.76 -21.76
CA TRP A 605 -6.54 -19.66 -20.69
C TRP A 605 -6.59 -20.84 -19.77
N VAL A 606 -5.46 -21.53 -19.65
CA VAL A 606 -5.42 -22.74 -18.83
C VAL A 606 -4.66 -22.53 -17.53
N SER A 607 -5.25 -22.99 -16.44
CA SER A 607 -4.63 -22.86 -15.14
C SER A 607 -3.31 -23.59 -15.12
N PRO A 608 -2.23 -22.93 -14.65
CA PRO A 608 -0.91 -23.54 -14.58
C PRO A 608 -0.87 -24.83 -13.79
N VAL A 609 -1.80 -25.02 -12.84
CA VAL A 609 -1.95 -26.33 -12.18
C VAL A 609 -2.33 -27.45 -13.17
N ASP A 610 -3.22 -27.12 -14.10
CA ASP A 610 -3.57 -27.97 -15.26
C ASP A 610 -2.54 -27.99 -16.38
N ALA A 611 -1.50 -27.18 -16.27
CA ALA A 611 -0.48 -27.18 -17.30
C ALA A 611 0.48 -28.33 -17.14
N ILE A 612 0.87 -28.91 -18.26
CA ILE A 612 1.95 -29.91 -18.31
C ILE A 612 3.12 -29.42 -19.16
N VAL A 613 4.13 -28.86 -18.49
CA VAL A 613 5.30 -28.30 -19.16
C VAL A 613 6.38 -29.37 -19.36
N GLU A 614 7.23 -29.16 -20.35
CA GLU A 614 8.36 -30.06 -20.62
C GLU A 614 9.64 -29.25 -20.76
N ARG A 615 10.53 -29.39 -19.78
CA ARG A 615 11.80 -28.62 -19.72
C ARG A 615 12.73 -28.91 -20.90
N ASP A 616 14.03 -28.67 -20.72
CA ASP A 616 15.01 -28.94 -21.77
C ASP A 616 16.39 -29.18 -21.18
N GLU A 617 17.42 -28.95 -22.01
CA GLU A 617 18.85 -29.10 -21.63
C GLU A 617 19.14 -28.79 -20.16
N LYS A 618 18.39 -27.85 -19.60
CA LYS A 618 18.88 -27.02 -18.52
C LYS A 618 17.72 -26.42 -17.75
N GLY A 619 16.53 -26.97 -17.95
CA GLY A 619 15.30 -26.29 -17.57
C GLY A 619 15.00 -25.15 -18.53
N ARG A 620 13.73 -24.88 -18.74
CA ARG A 620 13.27 -23.97 -19.78
C ARG A 620 12.11 -24.62 -20.52
N ILE A 621 10.90 -24.23 -20.13
CA ILE A 621 9.67 -24.70 -20.78
C ILE A 621 9.78 -24.55 -22.30
N VAL A 622 9.93 -25.68 -23.01
CA VAL A 622 9.98 -25.65 -24.48
C VAL A 622 8.64 -26.00 -25.14
N LYS A 623 7.82 -26.78 -24.45
CA LYS A 623 6.44 -27.03 -24.88
C LYS A 623 5.53 -27.62 -23.77
N ALA A 624 4.28 -27.16 -23.77
CA ALA A 624 3.31 -27.51 -22.76
C ALA A 624 1.98 -27.94 -23.37
N LYS A 625 1.21 -28.70 -22.61
CA LYS A 625 -0.07 -29.20 -23.06
C LYS A 625 -1.02 -29.23 -21.85
N ASP A 626 -2.32 -29.12 -22.11
CA ASP A 626 -3.34 -29.56 -21.13
C ASP A 626 -3.73 -31.01 -21.40
N ALA A 627 -4.65 -31.53 -20.60
CA ALA A 627 -5.00 -32.95 -20.64
C ALA A 627 -5.73 -33.27 -21.96
N ALA A 628 -6.64 -32.37 -22.35
CA ALA A 628 -7.29 -32.43 -23.66
C ALA A 628 -6.30 -32.48 -24.82
N GLY A 629 -5.02 -32.24 -24.53
CA GLY A 629 -3.94 -32.34 -25.53
C GLY A 629 -3.78 -31.10 -26.42
N HIS A 630 -4.26 -29.95 -25.95
CA HIS A 630 -4.08 -28.67 -26.64
C HIS A 630 -2.66 -28.18 -26.44
N GLU A 631 -2.16 -27.45 -27.43
CA GLU A 631 -0.83 -26.84 -27.37
C GLU A 631 -0.88 -25.53 -26.60
N LEU A 632 -0.13 -25.46 -25.49
CA LEU A 632 -0.10 -24.26 -24.64
C LEU A 632 1.05 -23.32 -25.02
N VAL A 633 0.79 -22.01 -25.04
CA VAL A 633 1.87 -21.02 -24.99
C VAL A 633 2.02 -20.38 -23.59
N TYR A 634 3.29 -20.25 -23.18
CA TYR A 634 3.66 -19.73 -21.89
C TYR A 634 3.90 -18.22 -21.99
N THR A 635 3.18 -17.43 -21.20
CA THR A 635 3.33 -15.97 -21.25
C THR A 635 4.13 -15.40 -20.08
N GLY A 636 4.64 -16.27 -19.20
CA GLY A 636 5.45 -15.82 -18.06
C GLY A 636 4.65 -15.77 -16.77
N MET A 637 5.18 -15.05 -15.79
CA MET A 637 4.49 -14.85 -14.51
C MET A 637 3.69 -13.60 -14.61
N SER A 638 2.45 -13.64 -14.14
CA SER A 638 1.61 -12.45 -14.24
C SER A 638 0.62 -12.35 -13.13
N LYS A 639 0.14 -11.13 -12.90
CA LYS A 639 -0.92 -10.84 -11.92
C LYS A 639 -1.99 -11.94 -11.97
N MET A 640 -2.58 -12.31 -10.83
CA MET A 640 -3.56 -13.44 -10.80
C MET A 640 -4.94 -12.94 -11.21
N SER A 641 -5.61 -13.67 -12.11
CA SER A 641 -6.91 -13.20 -12.62
C SER A 641 -7.91 -14.33 -12.91
N LYS A 642 -9.17 -13.96 -13.12
CA LYS A 642 -10.15 -14.88 -13.69
C LYS A 642 -10.00 -14.96 -15.20
N SER A 643 -9.82 -13.80 -15.85
CA SER A 643 -9.49 -13.76 -17.27
C SER A 643 -8.38 -14.75 -17.60
N LYS A 644 -7.24 -14.62 -16.93
CA LYS A 644 -6.06 -15.43 -17.26
C LYS A 644 -6.09 -16.80 -16.64
N ASN A 645 -7.11 -17.04 -15.82
CA ASN A 645 -7.37 -18.36 -15.22
C ASN A 645 -6.24 -18.95 -14.34
N ASN A 646 -5.38 -18.10 -13.79
CA ASN A 646 -4.19 -18.55 -13.09
C ASN A 646 -4.19 -18.25 -11.57
N GLY A 647 -5.37 -18.13 -10.97
CA GLY A 647 -5.49 -17.92 -9.52
C GLY A 647 -5.09 -19.17 -8.75
N ILE A 648 -4.27 -19.00 -7.72
CA ILE A 648 -4.07 -20.05 -6.75
C ILE A 648 -4.95 -19.81 -5.53
N ASP A 649 -5.67 -20.85 -5.12
CA ASP A 649 -6.53 -20.80 -3.94
C ASP A 649 -5.72 -21.15 -2.67
N PRO A 650 -5.59 -20.21 -1.73
CA PRO A 650 -4.76 -20.50 -0.54
C PRO A 650 -5.26 -21.70 0.26
N GLN A 651 -6.57 -21.92 0.28
CA GLN A 651 -7.17 -23.04 1.04
C GLN A 651 -6.68 -24.42 0.57
N VAL A 652 -6.56 -24.60 -0.73
CA VAL A 652 -6.01 -25.83 -1.28
C VAL A 652 -4.59 -26.00 -0.79
N MET A 653 -3.81 -24.92 -0.79
CA MET A 653 -2.40 -25.02 -0.40
C MET A 653 -2.27 -25.21 1.10
N VAL A 654 -3.10 -24.54 1.89
CA VAL A 654 -3.08 -24.75 3.34
C VAL A 654 -3.42 -26.21 3.72
N GLU A 655 -4.30 -26.84 2.93
CA GLU A 655 -4.78 -28.18 3.20
C GLU A 655 -3.85 -29.22 2.59
N ARG A 656 -3.20 -28.89 1.48
CA ARG A 656 -2.12 -29.72 0.95
C ARG A 656 -0.91 -29.80 1.91
N TYR A 657 -0.33 -28.64 2.28
CA TYR A 657 1.02 -28.60 2.88
C TYR A 657 1.03 -28.23 4.34
N GLY A 658 -0.09 -27.71 4.83
CA GLY A 658 -0.13 -27.09 6.14
C GLY A 658 0.18 -25.58 6.06
N ALA A 659 -0.24 -24.84 7.06
CA ALA A 659 -0.17 -23.40 7.04
C ALA A 659 1.26 -22.93 7.21
N ASP A 660 2.03 -23.61 8.04
CA ASP A 660 3.39 -23.16 8.26
C ASP A 660 4.13 -23.16 6.94
N THR A 661 3.98 -24.22 6.15
CA THR A 661 4.66 -24.27 4.89
C THR A 661 4.21 -23.07 4.05
N VAL A 662 2.90 -22.80 4.04
CA VAL A 662 2.40 -21.79 3.13
C VAL A 662 2.96 -20.43 3.54
N ARG A 663 3.01 -20.20 4.85
CA ARG A 663 3.52 -18.95 5.40
C ARG A 663 4.99 -18.83 5.18
N LEU A 664 5.74 -19.88 5.46
CA LEU A 664 7.18 -19.86 5.28
C LEU A 664 7.55 -19.49 3.84
N PHE A 665 6.93 -20.13 2.84
CA PHE A 665 7.18 -19.75 1.47
C PHE A 665 6.83 -18.29 1.16
N MET A 666 5.66 -17.85 1.59
CA MET A 666 5.27 -16.49 1.31
C MET A 666 6.32 -15.48 1.84
N MET A 667 6.97 -15.80 2.95
CA MET A 667 7.85 -14.83 3.59
C MET A 667 9.29 -14.94 3.03
N PHE A 668 9.60 -16.14 2.53
CA PHE A 668 10.91 -16.50 2.04
C PHE A 668 11.14 -16.10 0.56
N ALA A 669 10.14 -16.31 -0.29
CA ALA A 669 10.40 -16.30 -1.73
C ALA A 669 10.75 -14.92 -2.28
N SER A 670 10.54 -13.88 -1.51
CA SER A 670 10.70 -12.55 -2.05
C SER A 670 10.53 -11.48 -0.96
N PRO A 671 11.25 -10.35 -1.06
CA PRO A 671 11.13 -9.27 -0.04
C PRO A 671 9.67 -8.79 0.04
N ALA A 672 9.21 -8.41 1.23
CA ALA A 672 7.84 -7.95 1.45
C ALA A 672 7.27 -7.08 0.32
N ASP A 673 8.08 -6.13 -0.17
CA ASP A 673 7.58 -5.12 -1.10
C ASP A 673 7.87 -5.40 -2.57
N MET A 674 8.52 -6.54 -2.88
CA MET A 674 8.71 -6.96 -4.27
C MET A 674 7.64 -7.95 -4.58
N THR A 675 7.29 -8.08 -5.89
CA THR A 675 6.37 -9.11 -6.33
C THR A 675 6.85 -10.50 -5.93
N LEU A 676 5.90 -11.39 -5.67
CA LEU A 676 6.22 -12.74 -5.31
C LEU A 676 5.68 -13.72 -6.34
N GLU A 677 6.59 -14.44 -6.97
CA GLU A 677 6.25 -15.49 -7.91
C GLU A 677 5.93 -16.80 -7.21
N TRP A 678 4.65 -17.16 -7.18
CA TRP A 678 4.26 -18.45 -6.67
C TRP A 678 4.85 -19.62 -7.45
N GLN A 679 5.54 -20.53 -6.78
CA GLN A 679 5.92 -21.82 -7.38
C GLN A 679 5.49 -22.91 -6.43
N GLU A 680 4.79 -23.92 -6.93
CA GLU A 680 4.58 -25.18 -6.22
C GLU A 680 5.93 -25.78 -5.76
N SER A 681 6.91 -25.82 -6.65
CA SER A 681 8.14 -26.47 -6.30
C SER A 681 8.88 -25.75 -5.16
N GLY A 682 8.78 -24.40 -5.11
CA GLY A 682 9.28 -23.60 -3.96
C GLY A 682 8.54 -23.83 -2.66
N VAL A 683 7.22 -23.90 -2.73
CA VAL A 683 6.39 -24.38 -1.61
C VAL A 683 6.84 -25.76 -1.06
N GLU A 684 7.10 -26.69 -1.96
CA GLU A 684 7.47 -28.02 -1.58
C GLU A 684 8.81 -28.04 -0.88
N GLY A 685 9.75 -27.22 -1.35
CA GLY A 685 11.02 -27.00 -0.64
C GLY A 685 10.83 -26.43 0.77
N ALA A 686 9.94 -25.49 0.91
CA ALA A 686 9.64 -24.97 2.22
C ALA A 686 9.11 -26.11 3.09
N ASN A 687 8.16 -26.89 2.58
CA ASN A 687 7.70 -28.12 3.29
C ASN A 687 8.83 -29.09 3.69
N ARG A 688 9.70 -29.44 2.74
CA ARG A 688 10.79 -30.35 3.04
C ARG A 688 11.68 -29.79 4.14
N PHE A 689 11.89 -28.46 4.14
CA PHE A 689 12.69 -27.81 5.18
C PHE A 689 12.09 -28.04 6.56
N LEU A 690 10.80 -27.81 6.68
CA LEU A 690 10.12 -28.02 7.96
C LEU A 690 10.30 -29.45 8.43
N LYS A 691 10.35 -30.40 7.50
CA LYS A 691 10.56 -31.79 7.88
C LYS A 691 11.97 -32.01 8.38
N ARG A 692 12.93 -31.35 7.75
CA ARG A 692 14.30 -31.45 8.25
C ARG A 692 14.46 -30.79 9.63
N VAL A 693 13.80 -29.66 9.87
CA VAL A 693 13.79 -29.10 11.24
C VAL A 693 13.15 -30.08 12.26
N TRP A 694 11.98 -30.62 11.92
CA TRP A 694 11.34 -31.64 12.75
C TRP A 694 12.25 -32.83 13.04
N LYS A 695 12.87 -33.38 12.00
CA LYS A 695 13.76 -34.52 12.17
C LYS A 695 14.89 -34.20 13.17
N LEU A 696 15.57 -33.08 12.98
CA LEU A 696 16.72 -32.78 13.82
C LEU A 696 16.30 -32.72 15.27
N VAL A 697 15.22 -32.01 15.54
CA VAL A 697 14.67 -31.94 16.90
C VAL A 697 14.30 -33.33 17.47
N TYR A 698 13.80 -34.22 16.62
CA TYR A 698 13.39 -35.57 17.03
C TYR A 698 14.59 -36.46 17.39
N GLU A 699 15.60 -36.48 16.51
CA GLU A 699 16.82 -37.22 16.76
C GLU A 699 17.51 -36.73 18.02
N HIS A 700 17.35 -35.44 18.30
CA HIS A 700 18.04 -34.81 19.41
C HIS A 700 17.36 -35.16 20.75
N THR A 701 16.05 -34.95 20.83
CA THR A 701 15.36 -35.18 22.09
C THR A 701 15.16 -36.67 22.37
N ALA A 702 15.16 -37.48 21.30
CA ALA A 702 15.19 -38.94 21.44
C ALA A 702 16.29 -39.41 22.38
N LYS A 703 17.38 -38.64 22.47
CA LYS A 703 18.51 -38.95 23.35
C LYS A 703 18.38 -38.40 24.78
N GLY A 704 17.35 -37.62 25.07
CA GLY A 704 17.09 -37.18 26.44
C GLY A 704 17.76 -35.88 26.87
N ASP A 705 17.59 -35.53 28.14
CA ASP A 705 18.23 -34.33 28.75
C ASP A 705 19.72 -34.16 28.46
N VAL A 706 20.17 -32.93 28.62
CA VAL A 706 21.56 -32.61 28.40
C VAL A 706 22.16 -32.03 29.65
N ALA A 707 23.48 -32.10 29.77
CA ALA A 707 24.21 -31.42 30.82
C ALA A 707 24.18 -29.93 30.55
N ALA A 708 24.53 -29.12 31.53
CA ALA A 708 24.63 -27.70 31.32
C ALA A 708 25.81 -27.47 30.37
N LEU A 709 25.70 -26.49 29.49
CA LEU A 709 26.80 -26.20 28.54
C LEU A 709 28.03 -25.58 29.28
N ASN A 710 29.23 -25.97 28.86
CA ASN A 710 30.47 -25.38 29.41
C ASN A 710 31.23 -24.59 28.33
N VAL A 711 31.12 -23.27 28.36
CA VAL A 711 31.60 -22.43 27.24
C VAL A 711 33.12 -22.33 27.20
N ASP A 712 33.77 -22.53 28.34
CA ASP A 712 35.21 -22.25 28.45
C ASP A 712 36.06 -23.33 27.84
N ALA A 713 35.46 -24.49 27.64
CA ALA A 713 36.19 -25.73 27.37
C ALA A 713 35.98 -26.27 25.97
N LEU A 714 35.41 -25.45 25.08
CA LEU A 714 34.97 -25.92 23.76
C LEU A 714 36.12 -26.03 22.76
N THR A 715 36.00 -26.97 21.84
CA THR A 715 36.98 -27.14 20.78
C THR A 715 36.92 -25.95 19.84
N GLU A 716 37.92 -25.78 19.00
CA GLU A 716 37.88 -24.73 18.00
C GLU A 716 36.71 -25.01 17.03
N ASN A 717 36.39 -26.28 16.85
CA ASN A 717 35.25 -26.66 16.03
C ASN A 717 33.93 -26.32 16.70
N GLN A 718 33.83 -26.64 17.97
CA GLN A 718 32.65 -26.30 18.74
C GLN A 718 32.47 -24.79 18.83
N LYS A 719 33.55 -24.07 19.06
CA LYS A 719 33.49 -22.62 19.13
C LYS A 719 33.01 -22.01 17.80
N ALA A 720 33.47 -22.55 16.68
CA ALA A 720 33.08 -22.00 15.36
C ALA A 720 31.57 -22.15 15.10
N LEU A 721 31.03 -23.27 15.55
CA LEU A 721 29.63 -23.54 15.35
C LEU A 721 28.78 -22.63 16.22
N ARG A 722 29.09 -22.60 17.51
CA ARG A 722 28.42 -21.70 18.46
C ARG A 722 28.43 -20.23 17.98
N ARG A 723 29.53 -19.82 17.35
CA ARG A 723 29.67 -18.47 16.80
C ARG A 723 28.73 -18.23 15.60
N ASP A 724 28.57 -19.25 14.74
CA ASP A 724 27.56 -19.22 13.69
C ASP A 724 26.15 -19.09 14.29
N VAL A 725 25.87 -19.86 15.35
CA VAL A 725 24.59 -19.75 16.03
C VAL A 725 24.30 -18.29 16.44
N HIS A 726 25.21 -17.66 17.18
CA HIS A 726 24.93 -16.29 17.68
C HIS A 726 25.03 -15.20 16.60
N LYS A 727 25.87 -15.41 15.60
CA LYS A 727 25.90 -14.48 14.50
C LYS A 727 24.59 -14.50 13.72
N THR A 728 24.05 -15.70 13.52
CA THR A 728 22.74 -15.87 12.95
C THR A 728 21.70 -15.10 13.79
N ILE A 729 21.70 -15.32 15.09
CA ILE A 729 20.77 -14.60 15.95
C ILE A 729 20.82 -13.08 15.71
N ALA A 730 22.04 -12.55 15.65
CA ALA A 730 22.29 -11.12 15.36
C ALA A 730 21.82 -10.70 13.98
N LYS A 731 22.09 -11.50 12.96
CA LYS A 731 21.69 -11.16 11.61
C LYS A 731 20.16 -11.28 11.44
N VAL A 732 19.59 -12.41 11.81
CA VAL A 732 18.12 -12.56 11.80
C VAL A 732 17.39 -11.39 12.53
N THR A 733 17.89 -11.02 13.71
CA THR A 733 17.34 -9.88 14.48
C THR A 733 17.39 -8.55 13.68
N ASP A 734 18.58 -8.19 13.22
CA ASP A 734 18.76 -7.05 12.36
C ASP A 734 17.83 -7.08 11.12
N ASP A 735 17.80 -8.22 10.43
CA ASP A 735 16.97 -8.34 9.23
C ASP A 735 15.45 -8.22 9.47
N ILE A 736 14.95 -8.79 10.57
CA ILE A 736 13.52 -8.65 10.91
C ILE A 736 13.21 -7.28 11.47
N GLY A 737 14.01 -6.83 12.43
CA GLY A 737 13.66 -5.68 13.24
C GLY A 737 13.91 -4.38 12.53
N ARG A 738 15.09 -4.23 11.92
CA ARG A 738 15.52 -2.96 11.34
C ARG A 738 15.37 -2.92 9.80
N ARG A 739 15.90 -3.92 9.10
CA ARG A 739 15.91 -3.92 7.62
C ARG A 739 14.57 -4.32 7.05
N GLN A 740 13.90 -5.25 7.71
CA GLN A 740 12.67 -5.86 7.22
C GLN A 740 12.87 -6.63 5.92
N THR A 741 14.00 -7.33 5.82
CA THR A 741 14.25 -8.28 4.72
C THR A 741 14.04 -9.72 5.24
N PHE A 742 12.78 -10.09 5.42
CA PHE A 742 12.38 -11.37 6.05
C PHE A 742 12.90 -12.58 5.27
N ASN A 743 12.97 -12.46 3.95
CA ASN A 743 13.57 -13.49 3.11
C ASN A 743 15.06 -13.80 3.41
N THR A 744 15.89 -12.77 3.57
CA THR A 744 17.26 -13.02 3.97
C THR A 744 17.31 -13.58 5.40
N ALA A 745 16.37 -13.15 6.25
CA ALA A 745 16.26 -13.69 7.63
C ALA A 745 16.14 -15.20 7.61
N ILE A 746 15.18 -15.66 6.81
CA ILE A 746 14.87 -17.05 6.74
C ILE A 746 16.06 -17.78 6.15
N ALA A 747 16.76 -17.12 5.24
CA ALA A 747 17.89 -17.73 4.55
C ALA A 747 19.01 -17.98 5.53
N ALA A 748 19.21 -17.05 6.45
CA ALA A 748 20.24 -17.27 7.44
C ALA A 748 19.86 -18.48 8.33
N ILE A 749 18.58 -18.60 8.68
CA ILE A 749 18.15 -19.72 9.50
C ILE A 749 18.45 -21.03 8.80
N MET A 750 18.00 -21.16 7.54
CA MET A 750 18.32 -22.33 6.71
C MET A 750 19.83 -22.58 6.65
N GLU A 751 20.60 -21.53 6.37
CA GLU A 751 22.03 -21.69 6.30
C GLU A 751 22.51 -22.34 7.60
N LEU A 752 22.15 -21.73 8.73
CA LEU A 752 22.53 -22.28 10.02
C LEU A 752 22.06 -23.76 10.24
N MET A 753 20.81 -24.08 9.89
CA MET A 753 20.26 -25.47 10.02
C MET A 753 21.04 -26.51 9.19
N ASN A 754 21.45 -26.12 7.98
CA ASN A 754 22.35 -26.97 7.21
C ASN A 754 23.65 -27.34 7.96
N LYS A 755 24.21 -26.39 8.73
CA LYS A 755 25.40 -26.67 9.55
C LYS A 755 25.10 -27.52 10.78
N LEU A 756 23.96 -27.29 11.42
CA LEU A 756 23.57 -28.07 12.60
C LEU A 756 23.43 -29.56 12.31
N ALA A 757 22.69 -29.90 11.25
CA ALA A 757 22.52 -31.27 10.80
C ALA A 757 23.84 -31.98 10.57
N LYS A 758 24.89 -31.22 10.30
CA LYS A 758 26.19 -31.85 10.01
C LYS A 758 27.07 -31.97 11.24
N ALA A 759 26.63 -31.47 12.39
CA ALA A 759 27.47 -31.44 13.58
C ALA A 759 27.27 -32.72 14.36
N PRO A 760 28.29 -33.14 15.16
CA PRO A 760 28.22 -34.33 16.04
C PRO A 760 27.24 -34.17 17.19
N THR A 761 26.69 -35.30 17.64
CA THR A 761 25.63 -35.28 18.65
C THR A 761 25.82 -36.40 19.72
N ASP A 762 27.07 -36.72 20.03
CA ASP A 762 27.40 -37.86 20.91
C ASP A 762 27.85 -37.41 22.31
N GLY A 763 28.90 -36.58 22.35
CA GLY A 763 29.44 -36.04 23.61
C GLY A 763 28.42 -35.21 24.37
N GLU A 764 28.58 -35.13 25.69
CA GLU A 764 27.69 -34.30 26.51
C GLU A 764 27.68 -32.86 26.00
N GLN A 765 28.81 -32.41 25.51
CA GLN A 765 29.03 -31.02 25.14
C GLN A 765 28.43 -30.70 23.78
N ASP A 766 28.77 -31.50 22.77
CA ASP A 766 28.08 -31.45 21.49
C ASP A 766 26.57 -31.34 21.67
N ARG A 767 26.01 -32.23 22.51
CA ARG A 767 24.56 -32.31 22.71
C ARG A 767 23.98 -31.06 23.39
N ALA A 768 24.75 -30.46 24.28
CA ALA A 768 24.33 -29.25 24.98
C ALA A 768 24.35 -28.05 24.05
N LEU A 769 25.31 -28.03 23.14
CA LEU A 769 25.44 -26.95 22.18
C LEU A 769 24.26 -27.01 21.18
N MET A 770 23.98 -28.22 20.69
CA MET A 770 22.77 -28.52 19.96
C MET A 770 21.50 -28.02 20.68
N GLN A 771 21.34 -28.38 21.96
CA GLN A 771 20.19 -27.89 22.74
C GLN A 771 20.00 -26.38 22.63
N GLU A 772 21.10 -25.65 22.88
CA GLU A 772 21.11 -24.19 22.76
C GLU A 772 20.71 -23.73 21.35
N ALA A 773 21.40 -24.26 20.34
CA ALA A 773 21.17 -23.90 18.95
C ALA A 773 19.70 -24.11 18.54
N LEU A 774 19.16 -25.27 18.90
CA LEU A 774 17.77 -25.60 18.60
C LEU A 774 16.78 -24.69 19.26
N LEU A 775 16.99 -24.40 20.54
CA LEU A 775 16.13 -23.47 21.25
C LEU A 775 16.14 -22.09 20.56
N ALA A 776 17.26 -21.75 19.92
CA ALA A 776 17.41 -20.45 19.32
C ALA A 776 16.69 -20.45 17.93
N VAL A 777 16.95 -21.49 17.14
CA VAL A 777 16.31 -21.64 15.85
C VAL A 777 14.75 -21.72 15.97
N VAL A 778 14.27 -22.42 16.99
CA VAL A 778 12.87 -22.65 17.11
C VAL A 778 12.12 -21.32 17.41
N ARG A 779 12.79 -20.46 18.16
CA ARG A 779 12.28 -19.13 18.45
C ARG A 779 12.36 -18.20 17.27
N MET A 780 13.54 -18.16 16.64
CA MET A 780 13.77 -17.43 15.42
C MET A 780 12.79 -17.76 14.30
N LEU A 781 12.36 -19.01 14.22
CA LEU A 781 11.43 -19.45 13.18
C LEU A 781 9.96 -19.20 13.57
N ASN A 782 9.70 -18.98 14.87
CA ASN A 782 8.33 -18.90 15.41
C ASN A 782 7.43 -17.81 14.82
N PRO A 783 7.98 -16.62 14.57
CA PRO A 783 7.10 -15.64 13.95
C PRO A 783 6.61 -16.06 12.55
N PHE A 784 7.41 -16.82 11.79
CA PHE A 784 6.98 -17.37 10.50
C PHE A 784 6.14 -18.64 10.60
N THR A 785 6.59 -19.59 11.41
CA THR A 785 5.88 -20.89 11.43
C THR A 785 5.45 -21.34 12.80
N PRO A 786 4.57 -20.56 13.45
CA PRO A 786 4.26 -20.71 14.87
C PRO A 786 3.75 -22.07 15.31
N HIS A 787 3.05 -22.83 14.44
CA HIS A 787 2.42 -24.04 14.95
C HIS A 787 3.50 -25.07 15.23
N ILE A 788 4.39 -25.24 14.27
CA ILE A 788 5.45 -26.23 14.44
C ILE A 788 6.43 -25.86 15.57
N CYS A 789 6.68 -24.57 15.74
CA CYS A 789 7.64 -24.10 16.74
C CYS A 789 7.06 -24.18 18.14
N PHE A 790 5.80 -23.79 18.27
CA PHE A 790 5.11 -23.91 19.53
C PHE A 790 5.32 -25.34 20.06
N THR A 791 5.04 -26.32 19.18
CA THR A 791 5.15 -27.75 19.48
C THR A 791 6.60 -28.17 19.85
N LEU A 792 7.58 -27.76 19.05
CA LEU A 792 8.96 -28.16 19.24
C LEU A 792 9.56 -27.52 20.49
N TRP A 793 9.11 -26.30 20.80
CA TRP A 793 9.45 -25.69 22.07
C TRP A 793 9.17 -26.60 23.25
N GLN A 794 7.98 -27.19 23.28
CA GLN A 794 7.65 -28.12 24.31
C GLN A 794 8.59 -29.31 24.25
N GLU A 795 8.71 -29.95 23.09
CA GLU A 795 9.59 -31.12 22.95
C GLU A 795 11.01 -30.88 23.46
N LEU A 796 11.51 -29.66 23.25
CA LEU A 796 12.85 -29.29 23.67
C LEU A 796 12.86 -28.91 25.15
N LYS A 797 11.67 -28.85 25.73
CA LYS A 797 11.50 -28.55 27.14
C LYS A 797 11.83 -27.12 27.54
N GLY A 798 11.62 -26.19 26.61
CA GLY A 798 11.74 -24.77 26.90
C GLY A 798 10.71 -24.32 27.90
N GLU A 799 11.01 -23.22 28.59
CA GLU A 799 10.15 -22.62 29.62
C GLU A 799 8.83 -22.01 29.09
N GLY A 800 7.69 -22.52 29.55
CA GLY A 800 6.38 -21.92 29.24
C GLY A 800 5.97 -22.11 27.79
N ASP A 801 5.02 -21.31 27.34
CA ASP A 801 4.57 -21.33 25.96
C ASP A 801 5.51 -20.48 25.08
N ILE A 802 5.85 -20.96 23.88
CA ILE A 802 6.76 -20.19 23.03
C ILE A 802 6.25 -18.76 22.73
N ASP A 803 4.95 -18.54 22.77
CA ASP A 803 4.42 -17.21 22.43
C ASP A 803 4.91 -16.11 23.37
N ASN A 804 5.26 -16.49 24.59
CA ASN A 804 5.79 -15.52 25.56
C ASN A 804 7.26 -15.72 25.95
N ALA A 805 7.97 -16.57 25.20
CA ALA A 805 9.41 -16.74 25.37
C ALA A 805 10.15 -15.53 24.80
N PRO A 806 11.27 -15.15 25.43
CA PRO A 806 11.95 -13.93 24.95
C PRO A 806 12.72 -14.19 23.66
N TRP A 807 12.77 -13.17 22.80
CA TRP A 807 13.51 -13.28 21.58
C TRP A 807 14.97 -13.52 21.91
N PRO A 808 15.60 -14.53 21.28
CA PRO A 808 17.01 -14.84 21.61
C PRO A 808 17.87 -13.63 21.34
N VAL A 809 18.85 -13.39 22.22
CA VAL A 809 19.83 -12.33 22.01
C VAL A 809 21.22 -12.93 21.92
N ALA A 810 21.97 -12.47 20.95
CA ALA A 810 23.26 -13.03 20.67
C ALA A 810 24.28 -12.62 21.76
N ASP A 811 25.11 -13.59 22.13
CA ASP A 811 26.03 -13.47 23.22
C ASP A 811 27.35 -12.93 22.65
N GLU A 812 27.69 -11.73 23.10
CA GLU A 812 28.83 -10.98 22.59
C GLU A 812 30.10 -11.82 22.67
N LYS A 813 30.26 -12.50 23.80
CA LYS A 813 31.43 -13.32 24.03
C LYS A 813 31.54 -14.52 23.08
N ALA A 814 30.40 -15.09 22.70
CA ALA A 814 30.40 -16.18 21.70
C ALA A 814 30.77 -15.72 20.29
N MET A 815 30.69 -14.43 20.01
CA MET A 815 30.90 -14.00 18.65
C MET A 815 32.34 -13.60 18.36
N VAL A 816 33.13 -13.42 19.42
CA VAL A 816 34.56 -13.12 19.30
C VAL A 816 35.32 -14.15 18.48
N GLU A 817 36.25 -13.69 17.67
CA GLU A 817 37.01 -14.59 16.82
C GLU A 817 38.38 -14.87 17.44
N ASP A 818 38.90 -16.07 17.19
CA ASP A 818 40.30 -16.33 17.51
C ASP A 818 41.22 -16.17 16.32
N SER A 819 40.74 -16.55 15.14
CA SER A 819 41.47 -16.31 13.92
C SER A 819 40.60 -15.53 12.95
N THR A 820 41.21 -15.03 11.88
CA THR A 820 40.46 -14.31 10.85
C THR A 820 40.91 -14.66 9.42
N LEU A 821 40.05 -14.32 8.46
CA LEU A 821 40.32 -14.52 7.06
C LEU A 821 40.83 -13.22 6.47
N VAL A 822 41.98 -13.30 5.80
CA VAL A 822 42.52 -12.15 5.12
C VAL A 822 42.64 -12.45 3.63
N VAL A 823 42.01 -11.62 2.81
CA VAL A 823 42.07 -11.81 1.38
C VAL A 823 43.31 -11.12 0.87
N VAL A 824 44.17 -11.85 0.15
CA VAL A 824 45.34 -11.23 -0.48
C VAL A 824 45.11 -10.98 -1.97
N GLN A 825 45.16 -9.70 -2.35
CA GLN A 825 45.26 -9.30 -3.76
C GLN A 825 46.70 -8.98 -4.19
N VAL A 826 46.98 -9.23 -5.47
CA VAL A 826 48.15 -8.70 -6.13
C VAL A 826 47.66 -7.81 -7.26
N ASN A 827 48.07 -6.54 -7.24
CA ASN A 827 47.39 -5.45 -7.97
C ASN A 827 45.89 -5.63 -8.05
N GLY A 828 45.26 -5.74 -6.89
CA GLY A 828 43.82 -5.64 -6.80
C GLY A 828 43.04 -6.90 -7.17
N LYS A 829 43.74 -7.95 -7.62
CA LYS A 829 43.07 -9.19 -7.95
C LYS A 829 43.40 -10.31 -6.98
N VAL A 830 42.34 -10.91 -6.41
CA VAL A 830 42.50 -11.92 -5.38
C VAL A 830 43.45 -13.01 -5.83
N ARG A 831 44.31 -13.50 -4.95
CA ARG A 831 45.19 -14.62 -5.33
C ARG A 831 45.27 -15.67 -4.24
N ALA A 832 44.59 -15.39 -3.14
CA ALA A 832 44.62 -16.26 -1.95
C ALA A 832 43.74 -15.68 -0.84
N LYS A 833 43.26 -16.55 0.02
CA LYS A 833 42.59 -16.17 1.26
C LYS A 833 43.41 -16.87 2.34
N ILE A 834 43.83 -16.15 3.36
CA ILE A 834 44.57 -16.77 4.46
C ILE A 834 43.89 -16.64 5.83
N THR A 835 44.06 -17.68 6.65
CA THR A 835 43.59 -17.68 8.02
C THR A 835 44.77 -17.43 8.94
N VAL A 836 44.79 -16.26 9.58
CA VAL A 836 45.90 -15.83 10.41
C VAL A 836 45.32 -15.52 11.81
N PRO A 837 46.16 -15.52 12.89
CA PRO A 837 45.58 -15.14 14.20
C PRO A 837 44.89 -13.81 14.16
N VAL A 838 43.85 -13.63 14.99
CA VAL A 838 42.94 -12.48 14.87
C VAL A 838 43.73 -11.21 15.07
N ASP A 839 44.81 -11.30 15.81
CA ASP A 839 45.54 -10.14 16.24
C ASP A 839 46.93 -10.08 15.66
N ALA A 840 47.16 -10.83 14.57
CA ALA A 840 48.44 -10.78 13.90
C ALA A 840 48.71 -9.32 13.51
N THR A 841 49.99 -8.92 13.55
CA THR A 841 50.42 -7.63 13.03
C THR A 841 50.48 -7.67 11.53
N GLU A 842 50.53 -6.49 10.92
CA GLU A 842 50.66 -6.35 9.48
C GLU A 842 51.88 -7.07 8.93
N GLU A 843 53.02 -6.96 9.63
CA GLU A 843 54.25 -7.67 9.24
C GLU A 843 54.03 -9.19 9.17
N GLN A 844 53.34 -9.72 10.19
CA GLN A 844 53.00 -11.13 10.24
C GLN A 844 52.09 -11.51 9.10
N VAL A 845 51.17 -10.63 8.75
CA VAL A 845 50.28 -10.90 7.63
C VAL A 845 51.04 -10.87 6.30
N ARG A 846 51.97 -9.94 6.14
CA ARG A 846 52.72 -9.90 4.88
C ARG A 846 53.63 -11.12 4.74
N GLU A 847 54.29 -11.50 5.82
CA GLU A 847 55.15 -12.67 5.81
C GLU A 847 54.38 -13.94 5.43
N ARG A 848 53.21 -14.14 6.01
CA ARG A 848 52.42 -15.33 5.70
C ARG A 848 51.82 -15.31 4.27
N ALA A 849 51.46 -14.12 3.78
CA ALA A 849 50.94 -14.00 2.43
C ALA A 849 52.04 -14.34 1.46
N GLY A 850 53.27 -14.09 1.85
CA GLY A 850 54.42 -14.34 0.99
C GLY A 850 54.68 -15.81 0.87
N GLN A 851 54.51 -16.54 1.97
CA GLN A 851 54.76 -17.99 2.03
C GLN A 851 53.77 -18.79 1.19
N GLU A 852 52.77 -18.11 0.63
CA GLU A 852 51.75 -18.78 -0.18
C GLU A 852 52.17 -18.84 -1.63
N HIS A 853 52.52 -20.05 -2.09
CA HIS A 853 52.87 -20.29 -3.50
C HIS A 853 51.95 -19.54 -4.49
N LEU A 854 50.65 -19.58 -4.22
CA LEU A 854 49.65 -18.92 -5.06
C LEU A 854 49.89 -17.41 -5.20
N VAL A 855 50.42 -16.80 -4.14
CA VAL A 855 50.86 -15.40 -4.19
C VAL A 855 52.27 -15.31 -4.75
N ALA A 856 53.16 -16.13 -4.20
CA ALA A 856 54.59 -16.01 -4.46
C ALA A 856 54.96 -16.12 -5.93
N LYS A 857 54.07 -16.68 -6.74
CA LYS A 857 54.32 -16.82 -8.18
C LYS A 857 53.81 -15.64 -8.99
N TYR A 858 53.03 -14.78 -8.34
CA TYR A 858 52.81 -13.44 -8.87
C TYR A 858 53.75 -12.45 -8.18
N LEU A 859 54.74 -12.99 -7.47
CA LEU A 859 55.84 -12.19 -6.95
C LEU A 859 57.19 -12.79 -7.37
N ASP A 860 57.28 -13.26 -8.61
CA ASP A 860 58.55 -13.78 -9.11
C ASP A 860 59.15 -12.81 -10.11
N GLY A 861 60.35 -12.33 -9.77
CA GLY A 861 61.03 -11.32 -10.58
C GLY A 861 60.23 -10.03 -10.78
N VAL A 862 59.52 -9.60 -9.73
CA VAL A 862 58.65 -8.43 -9.79
C VAL A 862 58.57 -7.87 -8.38
N THR A 863 58.62 -6.54 -8.25
CA THR A 863 58.87 -5.93 -6.93
C THR A 863 57.73 -5.06 -6.35
N VAL A 864 57.52 -5.19 -5.05
CA VAL A 864 56.38 -4.55 -4.38
C VAL A 864 56.56 -3.02 -4.29
N ARG A 865 55.78 -2.26 -5.06
CA ARG A 865 55.85 -0.80 -5.07
C ARG A 865 55.24 -0.10 -3.82
N LYS A 866 54.23 -0.73 -3.23
CA LYS A 866 53.53 -0.24 -2.04
C LYS A 866 52.53 -1.30 -1.64
N VAL A 867 51.84 -1.09 -0.53
CA VAL A 867 50.94 -2.11 -0.01
C VAL A 867 49.75 -1.49 0.68
N ILE A 868 48.55 -2.03 0.44
CA ILE A 868 47.32 -1.51 1.05
C ILE A 868 46.75 -2.56 2.00
N TYR A 869 46.63 -2.21 3.28
CA TYR A 869 46.23 -3.16 4.32
C TYR A 869 45.06 -2.67 5.16
N VAL A 870 43.96 -3.42 5.14
CA VAL A 870 42.85 -3.17 6.04
C VAL A 870 42.86 -4.21 7.13
N PRO A 871 43.18 -3.80 8.36
CA PRO A 871 43.34 -4.75 9.45
C PRO A 871 42.30 -5.86 9.43
N GLY A 872 42.74 -7.11 9.41
CA GLY A 872 41.81 -8.26 9.51
C GLY A 872 40.88 -8.53 8.32
N LYS A 873 41.15 -7.90 7.18
CA LYS A 873 40.25 -7.99 6.01
C LYS A 873 41.05 -8.26 4.73
N LEU A 874 41.99 -7.37 4.40
CA LEU A 874 42.56 -7.30 3.06
C LEU A 874 44.04 -6.89 3.10
N LEU A 875 44.83 -7.59 2.30
CA LEU A 875 46.14 -7.11 1.96
C LEU A 875 46.29 -7.06 0.44
N ASN A 876 46.62 -5.89 -0.07
CA ASN A 876 46.78 -5.69 -1.50
C ASN A 876 48.22 -5.34 -1.84
N LEU A 877 48.90 -6.27 -2.50
CA LEU A 877 50.28 -6.07 -2.94
C LEU A 877 50.30 -5.42 -4.31
N VAL A 878 50.76 -4.17 -4.35
CA VAL A 878 50.88 -3.45 -5.61
C VAL A 878 52.27 -3.62 -6.19
N VAL A 879 52.30 -4.03 -7.44
CA VAL A 879 53.44 -4.68 -8.02
C VAL A 879 53.56 -4.12 -9.45
N GLY A 880 54.76 -4.20 -10.03
CA GLY A 880 55.95 -4.60 -9.32
C GLY A 880 57.22 -4.33 -10.11
B DJF B 87 -1.83 26.71 -18.38
P DJF B 87 -3.04 22.94 -13.02
N1 DJF B 87 -9.63 22.83 -17.25
O1 DJF B 87 -2.18 28.12 -18.83
C2 DJF B 87 -8.65 22.25 -17.99
N3 DJF B 87 -7.41 22.76 -18.00
C4 DJF B 87 -7.09 23.86 -17.26
C5 DJF B 87 -8.07 24.42 -16.48
C6 DJF B 87 -9.37 23.90 -16.49
N6 DJF B 87 -10.37 24.43 -15.73
N7 DJF B 87 -7.50 25.46 -15.86
C8 DJF B 87 -6.20 25.55 -16.23
N9 DJF B 87 -5.94 24.55 -17.07
C1' DJF B 87 -4.65 24.39 -17.79
C10 DJF B 87 -1.28 28.64 -19.83
C11 DJF B 87 -0.27 27.51 -19.96
C12 DJF B 87 -0.56 26.44 -19.15
C13 DJF B 87 0.86 27.55 -20.78
C14 DJF B 87 1.74 26.46 -20.76
C15 DJF B 87 1.46 25.35 -19.94
C16 DJF B 87 0.31 25.33 -19.11
O17 DJF B 87 0.12 24.23 -18.33
C18 DJF B 87 0.97 23.10 -18.60
C19 DJF B 87 0.96 22.08 -17.47
C2' DJF B 87 -3.94 25.73 -17.73
O2' DJF B 87 -3.07 25.92 -18.82
C20 DJF B 87 -0.34 21.28 -17.48
O21 DJF B 87 -0.66 20.92 -16.13
C3' DJF B 87 -2.91 25.61 -16.64
O3' DJF B 87 -1.83 26.42 -17.07
C4' DJF B 87 -2.59 24.13 -16.75
O4' DJF B 87 -3.79 23.46 -17.19
C5' DJF B 87 -2.16 23.52 -15.42
O5' DJF B 87 -3.25 23.55 -14.49
OP1 DJF B 87 -1.84 22.05 -12.90
OP2 DJF B 87 -3.22 24.09 -12.08
MG MG C . 16.37 -8.66 -0.37
MG MG D . 29.16 -4.02 -0.57
#